data_7CNZ
#
_entry.id   7CNZ
#
_cell.length_a   79.723
_cell.length_b   102.373
_cell.length_c   168.993
_cell.angle_alpha   90.000
_cell.angle_beta   90.000
_cell.angle_gamma   90.000
#
_symmetry.space_group_name_H-M   'P 21 21 21'
#
loop_
_entity.id
_entity.type
_entity.pdbx_description
1 polymer 'Phosphatidylserine decarboxylase beta chain'
2 polymer 'Phosphatidylserine decarboxylase alpha chain'
3 non-polymer 'PHOSPHATE ION'
4 non-polymer 1,2-DIDECANOYL-SN-GLYCERO-3-PHOSPHOETHANOLAMINE
5 water water
#
loop_
_entity_poly.entity_id
_entity_poly.type
_entity_poly.pdbx_seq_one_letter_code
_entity_poly.pdbx_strand_id
1 'polypeptide(L)'
;MLNSFKLSLQYILPKLWLTRLAGWGASKRAGWLTKLVIDLFVKYYKVDMKEAQKPDTASYRTFNEFFVRPLRDEVRPIDT
DPNVLVMPADGVISQLGKIEEDKILQAKGHNYSLEALLAGNYLMADLFRNGTFVTTYLSPRDYHRVHMPCNGILREMIYV
PGDLFSVNHLTAQNVPNLFARNERVICLFDTEFGPMAQILVGATIVGSIETVWAGTITPPREGIIKRWTWPAGENDGSVA
LLKGQEMGRFKLG
;
A,C,E,G
2 'polypeptide(L)' (PYR)TVINLFAPGKVNLVEQLESLSVTKIGQPLAVSTGHHHHHHG B,D,F,H
#
# COMPACT_ATOMS: atom_id res chain seq x y z
N LEU A 9 14.93 12.26 29.50
CA LEU A 9 15.31 11.20 28.51
C LEU A 9 14.15 10.92 27.54
N GLN A 10 12.91 11.34 27.87
CA GLN A 10 11.67 11.04 27.08
C GLN A 10 11.70 11.87 25.79
N TYR A 11 12.36 13.03 25.81
CA TYR A 11 12.62 13.89 24.63
C TYR A 11 13.98 13.51 23.99
N ILE A 12 14.94 13.03 24.80
CA ILE A 12 16.30 12.61 24.34
C ILE A 12 16.17 11.32 23.50
N LEU A 13 15.67 10.22 24.09
CA LEU A 13 15.58 8.86 23.49
C LEU A 13 14.98 8.94 22.08
N PRO A 14 15.40 8.07 21.13
CA PRO A 14 14.73 7.92 19.83
C PRO A 14 13.65 6.82 19.95
N LYS A 15 12.49 7.24 20.46
CA LYS A 15 11.39 6.38 20.95
C LYS A 15 10.89 5.46 19.83
N LEU A 16 10.85 5.95 18.59
CA LEU A 16 10.41 5.16 17.40
C LEU A 16 11.41 4.05 17.12
N TRP A 17 12.70 4.40 16.98
CA TRP A 17 13.79 3.45 16.66
C TRP A 17 13.79 2.31 17.71
N LEU A 18 13.70 2.65 19.00
CA LEU A 18 13.60 1.65 20.12
C LEU A 18 12.39 0.74 19.90
N THR A 19 11.26 1.31 19.52
CA THR A 19 9.98 0.59 19.35
C THR A 19 10.11 -0.36 18.14
N ARG A 20 10.69 0.11 17.03
CA ARG A 20 10.94 -0.71 15.79
C ARG A 20 11.83 -1.90 16.17
N LEU A 21 12.86 -1.65 16.98
CA LEU A 21 13.80 -2.70 17.48
C LEU A 21 13.02 -3.75 18.28
N ALA A 22 12.39 -3.36 19.39
CA ALA A 22 11.58 -4.24 20.27
C ALA A 22 10.60 -5.09 19.43
N GLY A 23 10.01 -4.50 18.40
CA GLY A 23 9.07 -5.15 17.48
C GLY A 23 9.75 -6.20 16.61
N TRP A 24 10.95 -5.91 16.13
CA TRP A 24 11.81 -6.90 15.42
C TRP A 24 12.03 -8.08 16.37
N GLY A 25 12.55 -7.79 17.58
CA GLY A 25 12.83 -8.79 18.63
C GLY A 25 11.59 -9.58 19.03
N ALA A 26 10.49 -8.88 19.30
CA ALA A 26 9.26 -9.50 19.87
C ALA A 26 8.62 -10.45 18.84
N SER A 27 8.92 -10.31 17.55
CA SER A 27 8.25 -11.08 16.48
C SER A 27 9.12 -12.25 16.00
N LYS A 28 10.39 -12.34 16.45
CA LYS A 28 11.31 -13.46 16.10
C LYS A 28 10.98 -14.70 16.95
N ARG A 29 11.04 -15.89 16.35
CA ARG A 29 10.77 -17.23 16.98
C ARG A 29 12.10 -17.86 17.40
N ALA A 30 12.58 -17.59 18.62
CA ALA A 30 13.95 -17.91 19.11
C ALA A 30 13.93 -18.95 20.26
N GLY A 31 12.93 -19.84 20.26
CA GLY A 31 12.73 -20.91 21.25
C GLY A 31 13.24 -20.53 22.63
N TRP A 32 14.48 -20.91 22.97
CA TRP A 32 15.04 -20.85 24.35
C TRP A 32 15.22 -19.38 24.79
N LEU A 33 15.64 -18.50 23.87
CA LEU A 33 15.92 -17.05 24.14
C LEU A 33 14.60 -16.29 24.31
N THR A 34 13.58 -16.64 23.53
CA THR A 34 12.19 -16.16 23.69
C THR A 34 11.72 -16.53 25.08
N LYS A 35 11.79 -17.82 25.44
CA LYS A 35 11.35 -18.34 26.78
C LYS A 35 12.12 -17.58 27.86
N LEU A 36 13.42 -17.31 27.67
CA LEU A 36 14.27 -16.61 28.67
C LEU A 36 13.71 -15.21 28.90
N VAL A 37 13.57 -14.42 27.81
CA VAL A 37 13.10 -13.00 27.88
C VAL A 37 11.66 -12.98 28.40
N ILE A 38 10.83 -13.93 27.98
CA ILE A 38 9.45 -14.05 28.53
C ILE A 38 9.56 -14.22 30.04
N ASP A 39 10.40 -15.16 30.49
CA ASP A 39 10.48 -15.60 31.90
C ASP A 39 11.02 -14.46 32.76
N LEU A 40 12.08 -13.80 32.32
CA LEU A 40 12.61 -12.58 32.99
C LEU A 40 11.49 -11.54 33.12
N PHE A 41 10.79 -11.27 32.01
CA PHE A 41 9.63 -10.36 31.95
C PHE A 41 8.59 -10.79 33.00
N VAL A 42 8.19 -12.06 32.95
CA VAL A 42 7.15 -12.61 33.87
C VAL A 42 7.58 -12.35 35.31
N LYS A 43 8.85 -12.56 35.61
CA LYS A 43 9.40 -12.49 37.00
C LYS A 43 9.45 -11.02 37.40
N TYR A 44 10.12 -10.19 36.61
CA TYR A 44 10.36 -8.76 36.94
C TYR A 44 9.01 -8.02 37.10
N TYR A 45 7.98 -8.40 36.34
CA TYR A 45 6.70 -7.65 36.26
C TYR A 45 5.60 -8.32 37.10
N LYS A 46 5.85 -9.49 37.70
CA LYS A 46 4.91 -10.19 38.61
C LYS A 46 3.67 -10.61 37.80
N VAL A 47 3.86 -11.05 36.55
CA VAL A 47 2.78 -11.52 35.64
C VAL A 47 2.14 -12.76 36.26
N ASP A 48 0.80 -12.83 36.29
CA ASP A 48 0.03 -13.94 36.92
C ASP A 48 -0.38 -14.94 35.82
N MET A 49 0.57 -15.72 35.30
CA MET A 49 0.33 -16.75 34.26
C MET A 49 -0.72 -17.79 34.69
N LYS A 50 -1.15 -17.78 35.96
CA LYS A 50 -2.29 -18.61 36.43
C LYS A 50 -3.51 -18.35 35.53
N GLU A 51 -3.81 -17.07 35.27
CA GLU A 51 -5.02 -16.60 34.54
C GLU A 51 -4.92 -16.88 33.04
N ALA A 52 -3.72 -17.13 32.50
CA ALA A 52 -3.48 -17.37 31.06
C ALA A 52 -4.15 -18.68 30.61
N GLN A 53 -4.61 -18.72 29.37
CA GLN A 53 -5.20 -19.91 28.71
C GLN A 53 -4.13 -20.98 28.50
N LYS A 54 -2.86 -20.57 28.35
CA LYS A 54 -1.71 -21.49 28.18
C LYS A 54 -0.65 -21.04 29.18
N PRO A 55 -0.72 -21.50 30.46
CA PRO A 55 0.17 -20.99 31.51
C PRO A 55 1.66 -21.34 31.35
N ASP A 56 1.98 -22.40 30.59
CA ASP A 56 3.39 -22.82 30.38
C ASP A 56 4.05 -21.74 29.51
N THR A 57 5.00 -21.01 30.10
CA THR A 57 5.72 -19.90 29.42
C THR A 57 6.41 -20.43 28.17
N ALA A 58 6.51 -21.75 28.03
CA ALA A 58 7.16 -22.41 26.87
C ALA A 58 6.18 -22.57 25.71
N SER A 59 4.89 -22.26 25.91
CA SER A 59 3.80 -22.49 24.92
C SER A 59 3.78 -21.41 23.83
N TYR A 60 4.64 -20.39 23.93
CA TYR A 60 4.58 -19.12 23.15
C TYR A 60 5.77 -19.08 22.18
N ARG A 61 5.48 -19.14 20.88
CA ARG A 61 6.48 -19.25 19.78
C ARG A 61 7.29 -17.94 19.72
N THR A 62 6.67 -16.75 19.86
CA THR A 62 7.33 -15.42 19.87
C THR A 62 6.97 -14.62 21.13
N PHE A 63 7.80 -13.64 21.52
CA PHE A 63 7.51 -12.79 22.71
C PHE A 63 6.12 -12.16 22.54
N ASN A 64 5.83 -11.57 21.37
CA ASN A 64 4.55 -10.87 21.06
C ASN A 64 3.37 -11.82 21.30
N GLU A 65 3.48 -13.09 20.90
CA GLU A 65 2.43 -14.12 21.12
C GLU A 65 2.08 -14.14 22.61
N PHE A 66 3.11 -14.05 23.47
CA PHE A 66 2.99 -14.03 24.95
C PHE A 66 2.31 -12.71 25.39
N PHE A 67 2.83 -11.58 24.90
CA PHE A 67 2.36 -10.22 25.29
C PHE A 67 0.84 -10.12 25.08
N VAL A 68 0.40 -10.67 23.95
CA VAL A 68 -1.01 -10.61 23.47
C VAL A 68 -1.76 -11.85 23.94
N ARG A 69 -1.26 -12.56 24.96
CA ARG A 69 -1.79 -13.88 25.40
C ARG A 69 -3.28 -13.77 25.71
N PRO A 70 -4.09 -14.80 25.39
CA PRO A 70 -5.48 -14.87 25.87
C PRO A 70 -5.55 -15.25 27.35
N LEU A 71 -6.68 -14.94 28.01
CA LEU A 71 -6.98 -15.37 29.41
C LEU A 71 -7.96 -16.56 29.41
N ARG A 72 -8.10 -17.24 30.55
CA ARG A 72 -9.13 -18.29 30.75
C ARG A 72 -10.48 -17.56 30.80
N ASP A 73 -11.43 -17.99 29.97
CA ASP A 73 -12.76 -17.35 29.86
C ASP A 73 -13.27 -16.99 31.26
N GLU A 74 -13.19 -17.95 32.20
CA GLU A 74 -13.85 -17.93 33.52
C GLU A 74 -13.27 -16.85 34.45
N VAL A 75 -12.04 -16.36 34.21
CA VAL A 75 -11.36 -15.44 35.18
C VAL A 75 -11.84 -14.00 34.96
N ARG A 76 -12.56 -13.73 33.87
CA ARG A 76 -13.13 -12.39 33.55
C ARG A 76 -14.63 -12.54 33.32
N PRO A 77 -15.39 -12.75 34.42
CA PRO A 77 -16.84 -12.81 34.31
C PRO A 77 -17.37 -11.43 33.88
N ILE A 78 -18.25 -11.43 32.87
CA ILE A 78 -18.89 -10.23 32.28
C ILE A 78 -20.25 -10.01 32.97
N ASP A 79 -20.39 -8.99 33.84
CA ASP A 79 -21.68 -8.62 34.47
C ASP A 79 -22.73 -8.51 33.35
N THR A 80 -23.82 -9.30 33.43
CA THR A 80 -24.82 -9.47 32.35
C THR A 80 -25.98 -8.48 32.48
N ASP A 81 -26.05 -7.73 33.59
CA ASP A 81 -27.03 -6.65 33.81
C ASP A 81 -26.90 -5.64 32.68
N PRO A 82 -27.88 -5.50 31.76
CA PRO A 82 -27.72 -4.64 30.58
C PRO A 82 -27.76 -3.13 30.88
N ASN A 83 -28.01 -2.76 32.14
CA ASN A 83 -27.87 -1.38 32.68
C ASN A 83 -26.40 -1.10 33.06
N VAL A 84 -25.57 -2.14 33.14
CA VAL A 84 -24.16 -2.02 33.59
C VAL A 84 -23.25 -2.00 32.37
N LEU A 85 -22.49 -0.91 32.23
CA LEU A 85 -21.34 -0.81 31.31
C LEU A 85 -20.14 -1.33 32.08
N VAL A 86 -19.44 -2.30 31.50
CA VAL A 86 -18.32 -3.02 32.18
C VAL A 86 -17.00 -2.38 31.75
N MET A 87 -15.95 -2.67 32.51
CA MET A 87 -14.56 -2.23 32.23
C MET A 87 -14.04 -2.92 30.97
N PRO A 88 -13.36 -2.21 30.07
CA PRO A 88 -12.88 -2.79 28.82
C PRO A 88 -11.46 -3.33 28.85
N ALA A 89 -10.69 -3.04 29.90
CA ALA A 89 -9.26 -3.43 30.03
C ALA A 89 -8.85 -3.64 31.48
N ASP A 90 -8.04 -4.69 31.69
CA ASP A 90 -7.25 -4.96 32.92
C ASP A 90 -6.21 -3.87 33.07
N GLY A 91 -6.00 -3.42 34.30
CA GLY A 91 -5.05 -2.37 34.69
C GLY A 91 -5.61 -1.60 35.87
N VAL A 92 -5.46 -0.27 35.88
CA VAL A 92 -6.03 0.62 36.93
C VAL A 92 -6.57 1.89 36.28
N ILE A 93 -7.55 2.53 36.92
CA ILE A 93 -8.10 3.84 36.47
C ILE A 93 -6.94 4.84 36.58
N SER A 94 -6.65 5.58 35.51
CA SER A 94 -5.76 6.78 35.51
C SER A 94 -6.53 7.96 36.11
N GLN A 95 -7.61 8.37 35.44
CA GLN A 95 -8.55 9.44 35.88
C GLN A 95 -9.91 9.14 35.24
N LEU A 96 -10.98 9.71 35.78
CA LEU A 96 -12.34 9.60 35.21
C LEU A 96 -13.26 10.65 35.83
N GLY A 97 -14.42 10.87 35.20
CA GLY A 97 -15.45 11.80 35.66
C GLY A 97 -16.06 12.60 34.52
N LYS A 98 -16.63 13.75 34.85
CA LYS A 98 -17.30 14.66 33.89
C LYS A 98 -16.22 15.26 32.99
N ILE A 99 -16.52 15.40 31.69
CA ILE A 99 -15.75 16.25 30.74
C ILE A 99 -16.21 17.70 30.99
N GLU A 100 -15.36 18.52 31.60
CA GLU A 100 -15.69 19.93 31.96
C GLU A 100 -15.68 20.79 30.69
N GLU A 101 -16.81 20.80 29.97
CA GLU A 101 -16.96 21.38 28.61
C GLU A 101 -16.11 20.58 27.62
N ASP A 102 -14.92 21.07 27.25
CA ASP A 102 -13.97 20.43 26.29
C ASP A 102 -12.80 19.85 27.09
N LYS A 103 -12.73 20.13 28.40
CA LYS A 103 -11.57 19.84 29.28
C LYS A 103 -11.69 18.42 29.86
N ILE A 104 -10.64 17.61 29.67
CA ILE A 104 -10.45 16.24 30.23
C ILE A 104 -9.23 16.30 31.15
N LEU A 105 -9.34 15.70 32.34
CA LEU A 105 -8.26 15.66 33.34
C LEU A 105 -7.25 14.57 32.93
N GLN A 106 -5.97 14.93 32.85
CA GLN A 106 -4.85 14.01 32.53
C GLN A 106 -4.17 13.64 33.85
N ALA A 107 -3.78 14.66 34.60
CA ALA A 107 -3.16 14.58 35.95
C ALA A 107 -3.53 15.86 36.71
N LYS A 108 -3.15 15.99 37.99
CA LYS A 108 -3.37 17.23 38.79
C LYS A 108 -2.70 18.40 38.03
N GLY A 109 -3.46 19.43 37.65
CA GLY A 109 -2.97 20.66 36.98
C GLY A 109 -2.48 20.39 35.57
N HIS A 110 -3.13 19.46 34.88
CA HIS A 110 -2.89 19.09 33.46
C HIS A 110 -4.22 18.66 32.85
N ASN A 111 -4.88 19.54 32.10
CA ASN A 111 -6.09 19.22 31.31
C ASN A 111 -5.67 19.01 29.86
N TYR A 112 -6.56 18.47 29.04
CA TYR A 112 -6.35 18.43 27.57
C TYR A 112 -7.70 18.54 26.87
N SER A 113 -7.67 19.16 25.68
CA SER A 113 -8.84 19.39 24.81
C SER A 113 -9.42 18.06 24.32
N LEU A 114 -10.74 17.92 24.43
CA LEU A 114 -11.53 16.84 23.81
C LEU A 114 -11.30 16.83 22.29
N GLU A 115 -11.32 18.01 21.68
CA GLU A 115 -11.07 18.20 20.23
C GLU A 115 -9.65 17.72 19.89
N ALA A 116 -8.66 18.03 20.72
CA ALA A 116 -7.25 17.61 20.52
C ALA A 116 -7.18 16.08 20.50
N LEU A 117 -7.77 15.45 21.51
CA LEU A 117 -7.81 13.97 21.63
C LEU A 117 -8.37 13.38 20.34
N LEU A 118 -9.38 14.04 19.76
CA LEU A 118 -10.10 13.55 18.57
C LEU A 118 -9.51 14.19 17.30
N ALA A 119 -8.24 14.64 17.35
CA ALA A 119 -7.44 15.00 16.17
C ALA A 119 -8.21 16.03 15.34
N GLY A 120 -8.83 16.98 16.02
CA GLY A 120 -9.39 18.20 15.42
C GLY A 120 -10.81 17.96 14.93
N ASN A 121 -11.37 16.79 15.22
CA ASN A 121 -12.71 16.34 14.76
C ASN A 121 -13.81 17.00 15.64
N TYR A 122 -14.19 18.23 15.30
CA TYR A 122 -15.18 19.06 16.06
C TYR A 122 -16.56 18.37 16.08
N LEU A 123 -16.94 17.64 15.02
CA LEU A 123 -18.24 16.89 14.99
C LEU A 123 -18.26 15.82 16.09
N MET A 124 -17.24 14.98 16.13
CA MET A 124 -17.16 13.90 17.13
C MET A 124 -17.10 14.54 18.54
N ALA A 125 -16.26 15.55 18.74
CA ALA A 125 -16.11 16.24 20.05
C ALA A 125 -17.47 16.70 20.55
N ASP A 126 -18.37 17.14 19.66
CA ASP A 126 -19.69 17.69 20.07
C ASP A 126 -20.49 16.59 20.77
N LEU A 127 -20.38 15.35 20.29
CA LEU A 127 -21.10 14.19 20.86
C LEU A 127 -20.81 14.10 22.36
N PHE A 128 -19.64 14.56 22.80
CA PHE A 128 -19.09 14.23 24.14
C PHE A 128 -18.91 15.49 25.00
N ARG A 129 -19.14 16.69 24.47
CA ARG A 129 -19.03 17.95 25.28
C ARG A 129 -19.89 17.76 26.52
N ASN A 130 -19.32 17.97 27.71
CA ASN A 130 -20.00 17.87 29.04
C ASN A 130 -20.39 16.42 29.37
N GLY A 131 -19.88 15.45 28.63
CA GLY A 131 -20.15 14.03 28.88
C GLY A 131 -19.24 13.45 29.95
N THR A 132 -19.03 12.14 29.88
CA THR A 132 -18.29 11.32 30.85
C THR A 132 -17.08 10.71 30.13
N PHE A 133 -15.93 10.61 30.83
CA PHE A 133 -14.71 9.96 30.30
C PHE A 133 -14.12 9.01 31.34
N VAL A 134 -13.44 7.97 30.85
CA VAL A 134 -12.62 7.05 31.68
C VAL A 134 -11.32 6.81 30.91
N THR A 135 -10.19 6.98 31.57
CA THR A 135 -8.85 6.64 31.06
C THR A 135 -8.31 5.46 31.89
N THR A 136 -8.22 4.28 31.27
CA THR A 136 -7.66 3.04 31.88
C THR A 136 -6.21 2.89 31.43
N TYR A 137 -5.30 2.58 32.38
CA TYR A 137 -3.85 2.35 32.15
C TYR A 137 -3.55 0.87 32.22
N LEU A 138 -3.05 0.30 31.12
CA LEU A 138 -2.54 -1.10 31.05
C LEU A 138 -1.03 -1.08 31.27
N SER A 139 -0.54 -1.71 32.34
CA SER A 139 0.93 -1.89 32.62
C SER A 139 1.40 -3.16 31.92
N PRO A 140 2.71 -3.34 31.69
CA PRO A 140 3.23 -4.52 30.98
C PRO A 140 2.78 -5.84 31.61
N ARG A 141 2.64 -5.82 32.93
CA ARG A 141 2.06 -6.90 33.78
C ARG A 141 0.75 -7.41 33.18
N ASP A 142 -0.14 -6.47 32.81
CA ASP A 142 -1.57 -6.74 32.55
C ASP A 142 -1.75 -7.40 31.16
N TYR A 143 -2.87 -8.11 31.03
CA TYR A 143 -3.43 -8.63 29.75
C TYR A 143 -3.59 -7.42 28.83
N HIS A 144 -3.12 -7.52 27.58
CA HIS A 144 -3.02 -6.36 26.66
C HIS A 144 -4.04 -6.42 25.52
N ARG A 145 -5.19 -7.08 25.72
CA ARG A 145 -6.32 -6.96 24.78
C ARG A 145 -7.40 -6.09 25.43
N VAL A 146 -8.25 -5.49 24.59
CA VAL A 146 -9.31 -4.54 25.01
C VAL A 146 -10.66 -5.10 24.56
N HIS A 147 -11.62 -5.12 25.47
CA HIS A 147 -12.96 -5.73 25.30
C HIS A 147 -13.99 -4.61 25.34
N MET A 148 -15.18 -4.88 24.78
CA MET A 148 -16.28 -3.89 24.72
C MET A 148 -16.90 -3.71 26.09
N PRO A 149 -17.19 -2.47 26.51
CA PRO A 149 -17.84 -2.19 27.79
C PRO A 149 -19.35 -2.44 27.77
N CYS A 150 -19.90 -2.50 26.56
CA CYS A 150 -21.32 -2.83 26.27
C CYS A 150 -21.47 -3.22 24.78
N ASN A 151 -22.62 -3.74 24.41
CA ASN A 151 -22.94 -3.95 22.97
C ASN A 151 -22.67 -2.65 22.22
N GLY A 152 -22.25 -2.75 20.96
CA GLY A 152 -22.15 -1.56 20.10
C GLY A 152 -22.11 -1.89 18.62
N ILE A 153 -22.61 -0.97 17.82
CA ILE A 153 -22.39 -0.98 16.35
C ILE A 153 -21.21 -0.04 16.07
N LEU A 154 -20.15 -0.57 15.45
CA LEU A 154 -18.99 0.21 14.96
C LEU A 154 -19.44 1.11 13.82
N ARG A 155 -19.21 2.42 13.95
CA ARG A 155 -19.63 3.44 12.94
C ARG A 155 -18.41 4.11 12.32
N GLU A 156 -17.38 4.40 13.09
CA GLU A 156 -16.25 5.26 12.66
C GLU A 156 -14.98 4.73 13.33
N MET A 157 -13.87 4.64 12.61
CA MET A 157 -12.53 4.39 13.18
C MET A 157 -11.57 5.40 12.55
N ILE A 158 -10.80 6.09 13.39
CA ILE A 158 -9.81 7.12 12.93
C ILE A 158 -8.47 6.72 13.48
N TYR A 159 -7.48 6.46 12.61
CA TYR A 159 -6.06 6.33 13.00
C TYR A 159 -5.41 7.72 13.03
N VAL A 160 -4.69 8.02 14.11
CA VAL A 160 -4.06 9.34 14.36
C VAL A 160 -2.55 9.08 14.52
N PRO A 161 -1.70 9.57 13.60
CA PRO A 161 -0.25 9.49 13.81
C PRO A 161 0.12 10.35 15.02
N GLY A 162 1.25 10.03 15.66
CA GLY A 162 1.72 10.77 16.83
C GLY A 162 3.00 10.22 17.42
N ASP A 163 3.39 10.78 18.57
CA ASP A 163 4.60 10.44 19.35
C ASP A 163 4.37 9.07 20.01
N LEU A 164 5.40 8.47 20.59
CA LEU A 164 5.31 7.21 21.38
C LEU A 164 5.92 7.44 22.77
N PHE A 165 5.47 8.49 23.47
CA PHE A 165 5.84 8.73 24.89
C PHE A 165 5.46 7.50 25.71
N SER A 166 6.07 7.32 26.88
CA SER A 166 5.54 6.41 27.93
C SER A 166 4.19 6.97 28.37
N VAL A 167 3.30 6.13 28.91
CA VAL A 167 1.95 6.54 29.38
C VAL A 167 1.75 6.15 30.84
N ASN A 168 2.82 5.79 31.55
CA ASN A 168 2.74 5.52 33.02
C ASN A 168 2.32 6.81 33.74
N HIS A 169 2.00 6.73 35.04
CA HIS A 169 1.52 7.88 35.85
C HIS A 169 2.61 8.96 35.95
N LEU A 170 3.89 8.59 36.09
CA LEU A 170 5.01 9.59 36.10
C LEU A 170 4.91 10.50 34.86
N THR A 171 4.83 9.90 33.66
CA THR A 171 4.76 10.62 32.36
C THR A 171 3.48 11.44 32.29
N ALA A 172 2.34 10.85 32.66
CA ALA A 172 1.03 11.53 32.69
C ALA A 172 1.15 12.86 33.43
N GLN A 173 1.92 12.87 34.53
CA GLN A 173 2.02 14.01 35.47
C GLN A 173 2.94 15.10 34.92
N ASN A 174 3.61 14.87 33.79
CA ASN A 174 4.78 15.69 33.35
C ASN A 174 4.73 16.07 31.87
N VAL A 175 4.26 15.20 30.97
CA VAL A 175 4.15 15.51 29.52
C VAL A 175 2.76 16.08 29.24
N PRO A 176 2.65 17.36 28.81
CA PRO A 176 1.37 17.92 28.41
C PRO A 176 0.76 17.26 27.17
N ASN A 177 -0.57 17.13 27.17
CA ASN A 177 -1.41 16.65 26.04
C ASN A 177 -0.95 15.25 25.60
N LEU A 178 -0.50 14.43 26.56
CA LEU A 178 0.17 13.13 26.32
C LEU A 178 -0.67 12.27 25.38
N PHE A 179 -1.97 12.13 25.71
CA PHE A 179 -2.91 11.21 25.04
C PHE A 179 -3.41 11.82 23.73
N ALA A 180 -3.33 13.15 23.62
CA ALA A 180 -3.72 13.92 22.42
C ALA A 180 -2.58 13.93 21.40
N ARG A 181 -1.35 13.58 21.79
CA ARG A 181 -0.19 13.66 20.86
C ARG A 181 0.41 12.28 20.58
N ASN A 182 0.20 11.29 21.45
CA ASN A 182 0.67 9.90 21.22
C ASN A 182 -0.22 9.22 20.17
N GLU A 183 0.39 8.42 19.31
CA GLU A 183 -0.27 7.61 18.24
C GLU A 183 -1.45 6.85 18.85
N ARG A 184 -2.58 6.82 18.18
CA ARG A 184 -3.80 6.18 18.74
C ARG A 184 -4.78 5.85 17.63
N VAL A 185 -5.72 4.96 17.96
CA VAL A 185 -6.90 4.57 17.15
C VAL A 185 -8.18 4.92 17.93
N ILE A 186 -8.99 5.81 17.36
CA ILE A 186 -10.34 6.22 17.85
C ILE A 186 -11.40 5.32 17.21
N CYS A 187 -12.17 4.61 18.02
CA CYS A 187 -13.33 3.80 17.60
C CYS A 187 -14.61 4.45 18.16
N LEU A 188 -15.53 4.84 17.26
CA LEU A 188 -16.87 5.37 17.62
C LEU A 188 -17.93 4.29 17.37
N PHE A 189 -18.79 4.03 18.38
CA PHE A 189 -19.89 3.06 18.30
C PHE A 189 -21.23 3.73 18.61
N ASP A 190 -22.30 3.22 18.00
CA ASP A 190 -23.69 3.45 18.47
C ASP A 190 -23.95 2.40 19.55
N THR A 191 -24.53 2.84 20.67
CA THR A 191 -24.94 1.97 21.79
C THR A 191 -26.32 2.39 22.32
N GLU A 192 -26.91 1.57 23.19
CA GLU A 192 -28.17 1.91 23.90
C GLU A 192 -27.91 3.11 24.83
N PHE A 193 -26.65 3.56 24.99
CA PHE A 193 -26.27 4.69 25.89
C PHE A 193 -25.82 5.90 25.03
N GLY A 194 -26.25 5.88 23.77
CA GLY A 194 -25.91 6.91 22.77
C GLY A 194 -24.54 6.61 22.16
N PRO A 195 -23.85 7.64 21.63
CA PRO A 195 -22.54 7.42 21.02
C PRO A 195 -21.56 7.11 22.15
N MET A 196 -20.62 6.23 21.86
CA MET A 196 -19.57 5.79 22.79
C MET A 196 -18.26 5.72 22.01
N ALA A 197 -17.22 6.34 22.55
CA ALA A 197 -15.85 6.31 21.99
C ALA A 197 -14.99 5.39 22.84
N GLN A 198 -14.22 4.52 22.18
CA GLN A 198 -13.19 3.69 22.82
C GLN A 198 -11.92 3.87 22.01
N ILE A 199 -10.92 4.49 22.64
CA ILE A 199 -9.68 4.99 22.01
C ILE A 199 -8.49 4.20 22.56
N LEU A 200 -7.77 3.51 21.66
CA LEU A 200 -6.56 2.71 21.97
C LEU A 200 -5.34 3.60 21.73
N VAL A 201 -4.67 4.06 22.79
CA VAL A 201 -3.48 4.94 22.70
C VAL A 201 -2.22 4.09 22.93
N GLY A 202 -1.32 4.09 21.95
CA GLY A 202 -0.03 3.41 22.03
C GLY A 202 0.91 4.09 23.01
N ALA A 203 2.01 3.42 23.33
CA ALA A 203 3.13 3.94 24.14
C ALA A 203 4.45 3.46 23.54
N THR A 204 5.57 3.93 24.07
CA THR A 204 6.94 3.47 23.68
C THR A 204 6.97 1.94 23.77
N ILE A 205 7.64 1.27 22.81
CA ILE A 205 7.79 -0.21 22.73
C ILE A 205 6.43 -0.84 22.36
N VAL A 206 5.42 -0.65 23.21
CA VAL A 206 4.04 -1.19 23.02
C VAL A 206 3.27 -0.18 22.16
N GLY A 207 3.61 -0.10 20.87
CA GLY A 207 3.14 0.93 19.93
C GLY A 207 2.27 0.36 18.83
N SER A 208 2.16 -0.97 18.77
CA SER A 208 1.35 -1.65 17.73
C SER A 208 -0.09 -1.79 18.25
N ILE A 209 -1.06 -1.29 17.47
CA ILE A 209 -2.52 -1.37 17.79
C ILE A 209 -3.21 -2.23 16.73
N GLU A 210 -4.10 -3.13 17.16
CA GLU A 210 -4.96 -3.94 16.27
C GLU A 210 -6.41 -3.72 16.72
N THR A 211 -7.34 -3.96 15.79
CA THR A 211 -8.76 -4.20 16.09
C THR A 211 -9.13 -5.55 15.45
N VAL A 212 -10.14 -6.21 16.02
CA VAL A 212 -10.60 -7.56 15.59
C VAL A 212 -11.14 -7.52 14.16
N TRP A 213 -11.68 -6.37 13.72
CA TRP A 213 -12.37 -6.21 12.42
C TRP A 213 -11.40 -5.76 11.32
N ALA A 214 -10.19 -5.32 11.64
CA ALA A 214 -9.28 -4.70 10.65
C ALA A 214 -7.85 -5.22 10.77
N GLY A 215 -7.57 -6.14 11.69
CA GLY A 215 -6.20 -6.60 11.94
C GLY A 215 -5.35 -5.48 12.53
N THR A 216 -4.07 -5.46 12.16
CA THR A 216 -3.06 -4.54 12.73
C THR A 216 -3.19 -3.19 12.03
N ILE A 217 -3.45 -2.11 12.77
CA ILE A 217 -3.63 -0.73 12.22
C ILE A 217 -2.24 -0.13 12.04
N THR A 218 -1.33 -0.37 13.00
CA THR A 218 0.03 0.20 13.03
C THR A 218 0.94 -0.80 13.76
N PRO A 219 2.18 -1.03 13.29
CA PRO A 219 2.68 -0.44 12.05
C PRO A 219 2.03 -1.04 10.80
N PRO A 220 2.38 -0.59 9.58
CA PRO A 220 3.32 0.50 9.34
C PRO A 220 2.76 1.88 9.77
N ARG A 221 3.65 2.86 9.86
CA ARG A 221 3.34 4.25 10.29
C ARG A 221 3.52 5.18 9.08
N GLU A 222 2.45 5.42 8.34
CA GLU A 222 2.52 6.17 7.05
C GLU A 222 2.40 7.68 7.33
N GLY A 223 2.22 8.09 8.59
CA GLY A 223 2.31 9.48 9.08
C GLY A 223 1.09 10.33 8.75
N ILE A 224 0.01 9.75 8.21
CA ILE A 224 -1.23 10.50 7.83
C ILE A 224 -2.41 10.00 8.68
N ILE A 225 -3.50 10.76 8.71
CA ILE A 225 -4.77 10.38 9.38
C ILE A 225 -5.60 9.57 8.38
N LYS A 226 -6.07 8.39 8.80
CA LYS A 226 -6.96 7.50 8.01
C LYS A 226 -8.29 7.39 8.76
N ARG A 227 -9.40 7.48 8.03
CA ARG A 227 -10.79 7.37 8.57
C ARG A 227 -11.51 6.24 7.80
N TRP A 228 -12.17 5.34 8.52
CA TRP A 228 -13.10 4.33 7.96
C TRP A 228 -14.48 4.51 8.59
N THR A 229 -15.54 4.24 7.82
CA THR A 229 -16.94 4.28 8.31
C THR A 229 -17.63 2.95 8.05
N TRP A 230 -18.63 2.65 8.87
CA TRP A 230 -19.54 1.49 8.75
C TRP A 230 -20.98 2.00 8.88
N PRO A 231 -21.95 1.34 8.24
CA PRO A 231 -23.36 1.71 8.37
C PRO A 231 -23.94 1.39 9.76
N ALA A 232 -25.16 1.89 10.01
CA ALA A 232 -26.01 1.58 11.20
C ALA A 232 -26.35 0.08 11.23
N GLY A 233 -26.79 -0.40 12.40
CA GLY A 233 -26.89 -1.84 12.75
C GLY A 233 -27.62 -2.65 11.70
N GLU A 234 -28.80 -2.17 11.30
CA GLU A 234 -29.72 -2.83 10.36
C GLU A 234 -29.25 -2.59 8.91
N ASN A 235 -28.17 -3.24 8.48
CA ASN A 235 -27.62 -3.06 7.10
C ASN A 235 -26.64 -4.18 6.76
N ASP A 236 -26.49 -4.45 5.46
CA ASP A 236 -25.46 -5.35 4.89
C ASP A 236 -24.10 -4.73 5.24
N GLY A 237 -23.15 -5.55 5.69
CA GLY A 237 -21.74 -5.17 5.92
C GLY A 237 -21.55 -4.25 7.11
N SER A 238 -22.50 -4.18 8.04
CA SER A 238 -22.33 -3.49 9.35
C SER A 238 -21.58 -4.43 10.31
N VAL A 239 -20.97 -3.86 11.35
CA VAL A 239 -20.10 -4.59 12.31
C VAL A 239 -20.65 -4.36 13.72
N ALA A 240 -21.02 -5.44 14.41
CA ALA A 240 -21.62 -5.41 15.76
C ALA A 240 -20.74 -6.21 16.71
N LEU A 241 -20.54 -5.67 17.91
CA LEU A 241 -19.81 -6.36 18.99
C LEU A 241 -20.70 -6.36 20.24
N LEU A 242 -20.48 -7.37 21.08
CA LEU A 242 -21.25 -7.66 22.30
C LEU A 242 -20.44 -7.23 23.52
N LYS A 243 -21.14 -6.80 24.58
CA LYS A 243 -20.54 -6.49 25.90
C LYS A 243 -19.49 -7.55 26.21
N GLY A 244 -18.26 -7.16 26.57
CA GLY A 244 -17.20 -8.10 27.01
C GLY A 244 -16.48 -8.81 25.86
N GLN A 245 -16.89 -8.64 24.61
CA GLN A 245 -16.20 -9.24 23.45
C GLN A 245 -14.93 -8.46 23.16
N GLU A 246 -13.82 -9.16 22.92
CA GLU A 246 -12.53 -8.57 22.47
C GLU A 246 -12.79 -7.73 21.21
N MET A 247 -12.26 -6.50 21.19
CA MET A 247 -12.39 -5.53 20.06
C MET A 247 -11.03 -5.12 19.51
N GLY A 248 -9.96 -5.33 20.27
CA GLY A 248 -8.60 -4.93 19.85
C GLY A 248 -7.53 -5.39 20.81
N ARG A 249 -6.26 -5.06 20.50
CA ARG A 249 -5.11 -5.31 21.38
C ARG A 249 -3.96 -4.33 21.09
N PHE A 250 -2.97 -4.34 21.98
CA PHE A 250 -1.64 -3.69 21.85
C PHE A 250 -0.57 -4.78 21.82
N LYS A 251 0.44 -4.61 20.98
CA LYS A 251 1.65 -5.49 20.97
C LYS A 251 2.88 -4.61 20.71
N LEU A 252 4.06 -5.23 20.66
CA LEU A 252 5.35 -4.51 20.49
C LEU A 252 5.58 -4.30 19.00
N GLY A 253 6.06 -3.12 18.62
CA GLY A 253 6.24 -2.74 17.21
C GLY A 253 5.95 -1.27 16.98
N THR B 2 -2.94 2.23 26.88
CA THR B 2 -3.96 3.06 27.50
C THR B 2 -5.24 2.99 26.67
N VAL B 3 -6.39 2.96 27.36
CA VAL B 3 -7.73 3.01 26.72
C VAL B 3 -8.53 4.18 27.31
N ILE B 4 -9.16 4.94 26.43
CA ILE B 4 -10.01 6.10 26.81
C ILE B 4 -11.41 5.88 26.24
N ASN B 5 -12.41 5.96 27.12
CA ASN B 5 -13.82 5.87 26.74
C ASN B 5 -14.41 7.28 26.89
N LEU B 6 -15.29 7.64 25.97
CA LEU B 6 -16.10 8.88 26.03
C LEU B 6 -17.57 8.47 25.97
N PHE B 7 -18.36 9.04 26.87
CA PHE B 7 -19.83 8.86 26.95
C PHE B 7 -20.50 10.22 26.75
N ALA B 8 -21.68 10.23 26.13
CA ALA B 8 -22.50 11.45 25.90
C ALA B 8 -22.99 11.99 27.25
N PRO B 9 -23.33 13.28 27.37
CA PRO B 9 -23.79 13.82 28.65
C PRO B 9 -25.13 13.22 29.08
N GLY B 10 -25.27 13.00 30.39
CA GLY B 10 -26.48 12.47 31.05
C GLY B 10 -26.85 11.07 30.60
N LYS B 11 -25.91 10.23 30.15
CA LYS B 11 -26.21 8.87 29.63
C LYS B 11 -25.78 7.79 30.61
N VAL B 12 -24.77 8.06 31.44
CA VAL B 12 -24.18 7.06 32.39
C VAL B 12 -23.75 7.76 33.69
N ASN B 13 -23.78 7.05 34.82
CA ASN B 13 -23.06 7.46 36.04
C ASN B 13 -21.98 6.43 36.36
N LEU B 14 -20.73 6.91 36.44
CA LEU B 14 -19.56 6.10 36.86
C LEU B 14 -19.84 5.56 38.27
N VAL B 15 -19.52 4.29 38.52
CA VAL B 15 -19.55 3.69 39.89
C VAL B 15 -18.82 4.64 40.86
N GLU B 16 -19.49 5.13 41.92
CA GLU B 16 -18.95 6.21 42.80
C GLU B 16 -17.69 5.73 43.55
N GLN B 17 -17.57 4.41 43.81
CA GLN B 17 -16.41 3.80 44.51
C GLN B 17 -15.13 4.09 43.72
N LEU B 18 -15.17 4.07 42.37
CA LEU B 18 -13.97 4.14 41.50
C LEU B 18 -13.30 5.52 41.62
N GLU B 19 -11.96 5.49 41.65
CA GLU B 19 -11.10 6.69 41.63
C GLU B 19 -9.81 6.35 40.88
N SER B 20 -8.99 7.36 40.61
CA SER B 20 -7.61 7.18 40.11
C SER B 20 -6.92 6.07 40.92
N LEU B 21 -6.45 5.03 40.22
CA LEU B 21 -5.60 3.91 40.71
C LEU B 21 -6.44 2.73 41.23
N SER B 22 -7.78 2.87 41.28
CA SER B 22 -8.71 1.73 41.46
C SER B 22 -8.39 0.67 40.40
N VAL B 23 -8.32 -0.60 40.78
CA VAL B 23 -7.84 -1.64 39.84
C VAL B 23 -9.00 -1.95 38.89
N THR B 24 -8.70 -2.20 37.61
CA THR B 24 -9.68 -2.58 36.57
C THR B 24 -9.44 -4.02 36.11
N LYS B 25 -10.52 -4.80 36.05
CA LYS B 25 -10.59 -6.16 35.50
C LYS B 25 -11.74 -6.17 34.49
N ILE B 26 -11.50 -6.66 33.27
CA ILE B 26 -12.54 -6.82 32.20
C ILE B 26 -13.79 -7.43 32.84
N GLY B 27 -14.95 -6.82 32.59
CA GLY B 27 -16.27 -7.36 32.94
C GLY B 27 -16.80 -6.81 34.25
N GLN B 28 -15.95 -6.26 35.11
CA GLN B 28 -16.43 -5.60 36.36
C GLN B 28 -17.19 -4.33 35.98
N PRO B 29 -18.15 -3.87 36.81
CA PRO B 29 -18.89 -2.64 36.55
C PRO B 29 -18.03 -1.36 36.51
N LEU B 30 -18.22 -0.57 35.45
CA LEU B 30 -17.55 0.73 35.19
C LEU B 30 -18.55 1.87 35.41
N ALA B 31 -19.76 1.70 34.89
CA ALA B 31 -20.81 2.71 34.98
C ALA B 31 -22.17 2.03 34.81
N VAL B 32 -23.21 2.77 35.14
CA VAL B 32 -24.62 2.30 35.12
C VAL B 32 -25.44 3.30 34.30
N SER B 33 -26.27 2.79 33.38
CA SER B 33 -27.14 3.60 32.49
C SER B 33 -28.03 4.51 33.34
N THR B 34 -28.25 5.75 32.88
CA THR B 34 -29.19 6.71 33.56
C THR B 34 -30.64 6.30 33.27
N GLY B 35 -30.87 5.52 32.21
CA GLY B 35 -32.19 5.01 31.82
C GLY B 35 -32.29 3.50 31.93
N HIS B 36 -33.41 3.03 32.49
CA HIS B 36 -33.73 1.62 32.86
C HIS B 36 -33.86 0.77 31.58
N HIS B 37 -33.17 -0.38 31.53
CA HIS B 37 -33.28 -1.42 30.47
C HIS B 37 -33.63 -2.72 31.21
N HIS B 38 -34.15 -3.78 30.57
CA HIS B 38 -34.72 -4.99 31.26
C HIS B 38 -34.63 -6.27 30.41
N HIS B 39 -34.30 -7.39 31.09
CA HIS B 39 -34.26 -8.79 30.55
C HIS B 39 -35.61 -9.47 30.85
N LEU C 13 21.06 11.89 10.65
CA LEU C 13 20.84 13.15 11.44
C LEU C 13 19.40 13.23 11.97
N PRO C 14 19.17 13.75 13.19
CA PRO C 14 17.80 13.92 13.72
C PRO C 14 17.15 15.27 13.36
N LYS C 15 16.21 15.23 12.41
CA LYS C 15 15.66 16.40 11.67
C LYS C 15 15.11 17.49 12.61
N LEU C 16 14.44 17.11 13.71
CA LEU C 16 13.88 18.08 14.69
C LEU C 16 15.02 18.78 15.43
N TRP C 17 15.95 18.00 16.01
CA TRP C 17 17.10 18.51 16.79
C TRP C 17 17.89 19.51 15.91
N LEU C 18 18.17 19.15 14.66
CA LEU C 18 18.86 20.02 13.66
C LEU C 18 18.08 21.32 13.48
N THR C 19 16.76 21.24 13.38
CA THR C 19 15.86 22.38 13.12
C THR C 19 15.89 23.31 14.35
N ARG C 20 15.80 22.74 15.56
CA ARG C 20 15.85 23.49 16.83
C ARG C 20 17.19 24.25 16.92
N LEU C 21 18.28 23.58 16.55
CA LEU C 21 19.65 24.15 16.52
C LEU C 21 19.67 25.36 15.56
N ALA C 22 19.41 25.15 14.28
CA ALA C 22 19.40 26.20 13.23
C ALA C 22 18.55 27.40 13.70
N GLY C 23 17.44 27.15 14.38
CA GLY C 23 16.53 28.18 14.92
C GLY C 23 17.17 28.95 16.06
N TRP C 24 17.90 28.26 16.94
CA TRP C 24 18.73 28.92 17.99
C TRP C 24 19.73 29.85 17.29
N GLY C 25 20.51 29.29 16.36
CA GLY C 25 21.51 30.01 15.55
C GLY C 25 20.91 31.18 14.79
N ALA C 26 19.81 30.97 14.08
CA ALA C 26 19.22 31.96 13.16
C ALA C 26 18.69 33.17 13.94
N SER C 27 18.41 33.02 15.24
CA SER C 27 17.75 34.06 16.06
C SER C 27 18.78 34.81 16.93
N LYS C 28 20.04 34.37 16.98
CA LYS C 28 21.15 35.03 17.75
C LYS C 28 21.65 36.25 16.95
N ARG C 29 21.95 37.36 17.66
CA ARG C 29 22.49 38.64 17.10
C ARG C 29 24.03 38.63 17.24
N ALA C 30 24.75 38.15 16.22
CA ALA C 30 26.21 37.88 16.25
C ALA C 30 26.95 38.78 15.26
N GLY C 31 26.42 39.98 14.96
CA GLY C 31 27.04 40.98 14.08
C GLY C 31 27.84 40.36 12.94
N TRP C 32 29.16 40.21 13.11
CA TRP C 32 30.12 39.84 12.03
C TRP C 32 29.87 38.41 11.55
N LEU C 33 29.54 37.48 12.47
CA LEU C 33 29.32 36.02 12.18
C LEU C 33 27.99 35.83 11.47
N THR C 34 26.97 36.61 11.86
CA THR C 34 25.66 36.71 11.18
C THR C 34 25.92 37.16 9.73
N LYS C 35 26.61 38.29 9.54
CA LYS C 35 26.95 38.85 8.21
C LYS C 35 27.69 37.78 7.40
N LEU C 36 28.62 37.04 8.04
CA LEU C 36 29.42 36.01 7.33
C LEU C 36 28.48 34.93 6.78
N VAL C 37 27.67 34.33 7.65
CA VAL C 37 26.73 33.21 7.33
C VAL C 37 25.71 33.73 6.31
N ILE C 38 25.21 34.95 6.49
CA ILE C 38 24.28 35.57 5.51
C ILE C 38 24.98 35.59 4.15
N ASP C 39 26.22 36.09 4.11
CA ASP C 39 26.98 36.37 2.86
C ASP C 39 27.28 35.04 2.15
N LEU C 40 27.78 34.04 2.88
CA LEU C 40 27.97 32.66 2.35
C LEU C 40 26.65 32.17 1.73
N PHE C 41 25.56 32.28 2.49
CA PHE C 41 24.19 31.90 2.06
C PHE C 41 23.85 32.63 0.76
N VAL C 42 23.98 33.96 0.77
CA VAL C 42 23.62 34.81 -0.40
C VAL C 42 24.39 34.30 -1.62
N LYS C 43 25.68 33.99 -1.44
CA LYS C 43 26.60 33.61 -2.54
C LYS C 43 26.23 32.20 -3.01
N TYR C 44 26.19 31.22 -2.10
CA TYR C 44 25.95 29.80 -2.44
C TYR C 44 24.58 29.64 -3.13
N TYR C 45 23.58 30.46 -2.78
CA TYR C 45 22.16 30.29 -3.23
C TYR C 45 21.80 31.27 -4.35
N LYS C 46 22.69 32.20 -4.71
CA LYS C 46 22.48 33.19 -5.81
C LYS C 46 21.29 34.11 -5.47
N VAL C 47 21.18 34.53 -4.21
CA VAL C 47 20.10 35.43 -3.72
C VAL C 47 20.22 36.77 -4.46
N ASP C 48 19.11 37.34 -4.93
CA ASP C 48 19.05 38.63 -5.66
C ASP C 48 18.76 39.79 -4.68
N MET C 49 19.74 40.17 -3.86
CA MET C 49 19.60 41.26 -2.85
C MET C 49 19.23 42.60 -3.52
N LYS C 50 19.26 42.68 -4.85
CA LYS C 50 18.79 43.87 -5.60
C LYS C 50 17.36 44.19 -5.15
N GLU C 51 16.49 43.17 -5.12
CA GLU C 51 15.03 43.29 -4.87
C GLU C 51 14.73 43.54 -3.38
N ALA C 52 15.69 43.33 -2.48
CA ALA C 52 15.52 43.55 -1.03
C ALA C 52 15.32 45.03 -0.72
N GLN C 53 14.52 45.33 0.30
CA GLN C 53 14.29 46.70 0.82
C GLN C 53 15.58 47.26 1.44
N LYS C 54 16.42 46.39 1.98
CA LYS C 54 17.71 46.76 2.59
C LYS C 54 18.77 45.85 1.96
N PRO C 55 19.33 46.21 0.78
CA PRO C 55 20.27 45.33 0.07
C PRO C 55 21.61 45.07 0.78
N ASP C 56 22.04 45.96 1.68
CA ASP C 56 23.32 45.81 2.42
C ASP C 56 23.17 44.62 3.36
N THR C 57 23.91 43.55 3.10
CA THR C 57 23.81 42.27 3.87
C THR C 57 24.15 42.56 5.34
N ALA C 58 24.70 43.74 5.63
CA ALA C 58 25.10 44.16 6.99
C ALA C 58 23.90 44.75 7.75
N SER C 59 22.77 44.96 7.08
CA SER C 59 21.58 45.67 7.62
C SER C 59 20.74 44.77 8.53
N TYR C 60 21.09 43.48 8.66
CA TYR C 60 20.24 42.42 9.27
C TYR C 60 20.86 41.97 10.58
N ARG C 61 20.17 42.24 11.71
CA ARG C 61 20.64 42.01 13.09
C ARG C 61 20.81 40.48 13.32
N THR C 62 19.89 39.64 12.84
CA THR C 62 19.92 38.16 12.96
C THR C 62 19.75 37.49 11.58
N PHE C 63 20.19 36.23 11.42
CA PHE C 63 20.03 35.49 10.14
C PHE C 63 18.54 35.47 9.75
N ASN C 64 17.65 35.11 10.69
CA ASN C 64 16.18 35.01 10.48
C ASN C 64 15.66 36.33 9.90
N GLU C 65 16.11 37.47 10.43
CA GLU C 65 15.68 38.82 9.96
C GLU C 65 15.93 38.88 8.45
N PHE C 66 17.08 38.34 8.01
CA PHE C 66 17.48 38.28 6.58
C PHE C 66 16.55 37.32 5.81
N PHE C 67 16.37 36.11 6.34
CA PHE C 67 15.58 35.04 5.68
C PHE C 67 14.17 35.58 5.36
N VAL C 68 13.61 36.32 6.32
CA VAL C 68 12.23 36.87 6.28
C VAL C 68 12.22 38.28 5.67
N ARG C 69 13.28 38.66 4.95
CA ARG C 69 13.53 40.04 4.47
C ARG C 69 12.34 40.53 3.65
N PRO C 70 11.96 41.83 3.79
CA PRO C 70 10.99 42.45 2.89
C PRO C 70 11.59 42.71 1.51
N LEU C 71 10.72 42.87 0.50
CA LEU C 71 11.11 43.28 -0.87
C LEU C 71 10.79 44.78 -1.07
N ARG C 72 11.37 45.38 -2.11
CA ARG C 72 11.10 46.77 -2.52
C ARG C 72 9.64 46.83 -3.01
N ASP C 73 8.89 47.78 -2.46
CA ASP C 73 7.43 47.94 -2.69
C ASP C 73 7.11 47.63 -4.17
N GLU C 74 7.86 48.23 -5.10
CA GLU C 74 7.50 48.31 -6.54
C GLU C 74 7.65 46.94 -7.24
N VAL C 75 8.42 45.99 -6.70
CA VAL C 75 9.00 44.90 -7.53
C VAL C 75 8.01 43.72 -7.63
N ARG C 76 6.90 43.76 -6.89
CA ARG C 76 5.82 42.74 -6.96
C ARG C 76 4.50 43.41 -7.29
N PRO C 77 4.34 43.85 -8.56
CA PRO C 77 3.10 44.47 -8.99
C PRO C 77 2.00 43.40 -8.96
N ILE C 78 0.86 43.76 -8.39
CA ILE C 78 -0.36 42.91 -8.23
C ILE C 78 -1.30 43.18 -9.40
N ASP C 79 -1.45 42.23 -10.34
CA ASP C 79 -2.45 42.30 -11.44
C ASP C 79 -3.80 42.68 -10.83
N THR C 80 -4.39 43.78 -11.29
CA THR C 80 -5.58 44.43 -10.68
C THR C 80 -6.88 43.95 -11.33
N ASP C 81 -6.81 43.17 -12.40
CA ASP C 81 -7.99 42.50 -13.03
C ASP C 81 -8.68 41.64 -11.97
N PRO C 82 -9.90 41.98 -11.51
CA PRO C 82 -10.51 41.30 -10.38
C PRO C 82 -11.01 39.87 -10.68
N ASN C 83 -10.92 39.45 -11.95
CA ASN C 83 -11.17 38.06 -12.39
C ASN C 83 -9.87 37.24 -12.32
N VAL C 84 -8.72 37.89 -12.04
CA VAL C 84 -7.41 37.21 -11.97
C VAL C 84 -7.05 36.96 -10.49
N LEU C 85 -6.87 35.68 -10.17
CA LEU C 85 -6.24 35.21 -8.91
C LEU C 85 -4.75 35.17 -9.17
N VAL C 86 -3.97 35.85 -8.33
CA VAL C 86 -2.51 36.07 -8.52
C VAL C 86 -1.73 35.03 -7.70
N MET C 87 -0.45 34.88 -8.01
CA MET C 87 0.47 33.92 -7.35
C MET C 87 0.75 34.41 -5.92
N PRO C 88 0.73 33.51 -4.91
CA PRO C 88 0.91 33.90 -3.52
C PRO C 88 2.36 33.84 -3.00
N ALA C 89 3.28 33.23 -3.75
CA ALA C 89 4.68 33.07 -3.32
C ALA C 89 5.64 33.01 -4.52
N ASP C 90 6.79 33.66 -4.34
CA ASP C 90 8.02 33.55 -5.18
C ASP C 90 8.56 32.14 -5.04
N GLY C 91 9.03 31.57 -6.15
CA GLY C 91 9.57 30.21 -6.27
C GLY C 91 9.26 29.67 -7.64
N VAL C 92 8.91 28.38 -7.73
CA VAL C 92 8.51 27.70 -9.00
C VAL C 92 7.34 26.78 -8.70
N ILE C 93 6.50 26.52 -9.69
CA ILE C 93 5.37 25.54 -9.57
C ILE C 93 6.01 24.17 -9.34
N SER C 94 5.58 23.43 -8.31
CA SER C 94 5.90 22.00 -8.07
C SER C 94 5.03 21.15 -9.01
N GLN C 95 3.71 21.23 -8.83
CA GLN C 95 2.67 20.62 -9.70
C GLN C 95 1.40 21.46 -9.57
N LEU C 96 0.48 21.33 -10.53
CA LEU C 96 -0.84 21.99 -10.45
C LEU C 96 -1.79 21.35 -11.46
N GLY C 97 -3.09 21.60 -11.30
CA GLY C 97 -4.13 21.04 -12.16
C GLY C 97 -5.36 20.65 -11.37
N LYS C 98 -6.19 19.81 -12.01
CA LYS C 98 -7.46 19.33 -11.43
C LYS C 98 -7.11 18.37 -10.28
N ILE C 99 -7.89 18.43 -9.20
CA ILE C 99 -7.91 17.38 -8.14
C ILE C 99 -8.76 16.22 -8.67
N GLU C 100 -8.14 15.10 -9.01
CA GLU C 100 -8.85 13.92 -9.58
C GLU C 100 -9.62 13.21 -8.45
N GLU C 101 -10.83 13.67 -8.18
CA GLU C 101 -11.66 13.28 -7.00
C GLU C 101 -10.97 13.75 -5.72
N ASP C 102 -10.27 12.86 -5.01
CA ASP C 102 -9.56 13.14 -3.73
C ASP C 102 -8.04 13.16 -4.00
N LYS C 103 -7.63 12.78 -5.23
CA LYS C 103 -6.23 12.52 -5.61
C LYS C 103 -5.57 13.83 -6.09
N ILE C 104 -4.43 14.18 -5.48
CA ILE C 104 -3.56 15.34 -5.82
C ILE C 104 -2.20 14.79 -6.24
N LEU C 105 -1.62 15.31 -7.33
CA LEU C 105 -0.30 14.87 -7.83
C LEU C 105 0.79 15.54 -6.99
N GLN C 106 1.73 14.75 -6.44
CA GLN C 106 2.90 15.23 -5.67
C GLN C 106 4.12 15.26 -6.60
N ALA C 107 4.39 14.14 -7.27
CA ALA C 107 5.46 13.96 -8.28
C ALA C 107 5.05 12.78 -9.19
N LYS C 108 5.87 12.43 -10.18
CA LYS C 108 5.64 11.26 -11.09
C LYS C 108 5.46 10.02 -10.22
N GLY C 109 4.29 9.36 -10.32
CA GLY C 109 3.96 8.09 -9.63
C GLY C 109 3.88 8.24 -8.11
N HIS C 110 3.38 9.39 -7.64
CA HIS C 110 3.18 9.73 -6.21
C HIS C 110 1.98 10.66 -6.10
N ASN C 111 0.81 10.14 -5.71
CA ASN C 111 -0.42 10.94 -5.46
C ASN C 111 -0.62 11.06 -3.96
N TYR C 112 -1.54 11.91 -3.50
CA TYR C 112 -1.89 12.00 -2.05
C TYR C 112 -3.34 12.45 -1.87
N SER C 113 -3.97 11.95 -0.80
CA SER C 113 -5.37 12.23 -0.42
C SER C 113 -5.53 13.71 -0.05
N LEU C 114 -6.55 14.33 -0.61
CA LEU C 114 -7.04 15.67 -0.23
C LEU C 114 -7.42 15.67 1.26
N GLU C 115 -8.09 14.63 1.72
CA GLU C 115 -8.49 14.44 3.14
C GLU C 115 -7.25 14.38 4.03
N ALA C 116 -6.23 13.64 3.59
CA ALA C 116 -4.95 13.51 4.32
C ALA C 116 -4.33 14.89 4.51
N LEU C 117 -4.19 15.64 3.41
CA LEU C 117 -3.65 17.01 3.41
C LEU C 117 -4.38 17.86 4.45
N LEU C 118 -5.68 17.68 4.56
CA LEU C 118 -6.54 18.51 5.46
C LEU C 118 -6.75 17.79 6.80
N ALA C 119 -5.83 16.89 7.16
CA ALA C 119 -5.70 16.33 8.52
C ALA C 119 -7.06 15.73 8.93
N GLY C 120 -7.68 15.03 7.98
CA GLY C 120 -8.83 14.16 8.22
C GLY C 120 -10.12 14.94 8.22
N ASN C 121 -10.08 16.24 7.90
CA ASN C 121 -11.24 17.18 7.89
C ASN C 121 -12.09 16.93 6.63
N TYR C 122 -12.99 15.92 6.70
CA TYR C 122 -13.80 15.44 5.54
C TYR C 122 -14.72 16.56 5.05
N LEU C 123 -15.23 17.44 5.92
CA LEU C 123 -16.09 18.59 5.51
C LEU C 123 -15.32 19.53 4.59
N MET C 124 -14.14 19.99 5.01
CA MET C 124 -13.30 20.90 4.21
C MET C 124 -12.94 20.21 2.88
N ALA C 125 -12.48 18.95 2.92
CA ALA C 125 -12.06 18.20 1.72
C ALA C 125 -13.20 18.20 0.69
N ASP C 126 -14.45 18.12 1.14
CA ASP C 126 -15.61 17.98 0.23
C ASP C 126 -15.74 19.26 -0.61
N LEU C 127 -15.41 20.40 -0.01
CA LEU C 127 -15.46 21.71 -0.71
C LEU C 127 -14.61 21.66 -1.98
N PHE C 128 -13.57 20.82 -2.00
CA PHE C 128 -12.48 20.88 -3.01
C PHE C 128 -12.40 19.59 -3.84
N ARG C 129 -13.23 18.59 -3.57
CA ARG C 129 -13.32 17.36 -4.40
C ARG C 129 -13.55 17.81 -5.84
N ASN C 130 -12.71 17.34 -6.77
CA ASN C 130 -12.73 17.64 -8.23
C ASN C 130 -12.39 19.11 -8.50
N GLY C 131 -11.86 19.83 -7.52
CA GLY C 131 -11.45 21.24 -7.67
C GLY C 131 -10.08 21.38 -8.29
N THR C 132 -9.43 22.50 -7.98
CA THR C 132 -8.14 22.92 -8.56
C THR C 132 -7.10 23.04 -7.44
N PHE C 133 -5.84 22.65 -7.70
CA PHE C 133 -4.73 22.84 -6.73
C PHE C 133 -3.50 23.43 -7.42
N VAL C 134 -2.73 24.19 -6.66
CA VAL C 134 -1.39 24.68 -7.04
C VAL C 134 -0.48 24.47 -5.83
N THR C 135 0.65 23.81 -6.05
CA THR C 135 1.71 23.58 -5.05
C THR C 135 2.93 24.37 -5.50
N THR C 136 3.26 25.45 -4.78
CA THR C 136 4.42 26.34 -5.05
C THR C 136 5.57 25.88 -4.15
N TYR C 137 6.78 25.78 -4.72
CA TYR C 137 8.03 25.46 -3.96
C TYR C 137 8.85 26.74 -3.79
N LEU C 138 9.06 27.14 -2.53
CA LEU C 138 9.96 28.26 -2.13
C LEU C 138 11.32 27.65 -1.79
N SER C 139 12.36 27.99 -2.55
CA SER C 139 13.77 27.60 -2.30
C SER C 139 14.39 28.62 -1.36
N PRO C 140 15.49 28.27 -0.68
CA PRO C 140 16.14 29.20 0.26
C PRO C 140 16.46 30.57 -0.37
N ARG C 141 16.81 30.54 -1.66
CA ARG C 141 17.02 31.70 -2.57
C ARG C 141 15.87 32.70 -2.41
N ASP C 142 14.64 32.22 -2.44
CA ASP C 142 13.41 33.02 -2.67
C ASP C 142 13.02 33.79 -1.39
N TYR C 143 12.29 34.88 -1.59
CA TYR C 143 11.52 35.63 -0.56
C TYR C 143 10.60 34.63 0.14
N HIS C 144 10.60 34.61 1.48
CA HIS C 144 9.92 33.57 2.28
C HIS C 144 8.68 34.11 3.00
N ARG C 145 8.01 35.11 2.47
CA ARG C 145 6.65 35.49 2.94
C ARG C 145 5.61 35.08 1.88
N VAL C 146 4.37 34.90 2.31
CA VAL C 146 3.25 34.38 1.46
C VAL C 146 2.14 35.42 1.45
N HIS C 147 1.65 35.75 0.26
CA HIS C 147 0.66 36.82 0.01
C HIS C 147 -0.63 36.17 -0.50
N MET C 148 -1.75 36.86 -0.36
CA MET C 148 -3.09 36.39 -0.77
C MET C 148 -3.19 36.39 -2.29
N PRO C 149 -3.74 35.33 -2.90
CA PRO C 149 -3.95 35.27 -4.35
C PRO C 149 -5.18 36.06 -4.81
N CYS C 150 -6.08 36.33 -3.87
CA CYS C 150 -7.28 37.20 -4.06
C CYS C 150 -7.79 37.71 -2.71
N ASN C 151 -8.72 38.66 -2.74
CA ASN C 151 -9.44 39.09 -1.52
C ASN C 151 -9.98 37.83 -0.83
N GLY C 152 -10.06 37.83 0.50
CA GLY C 152 -10.72 36.74 1.23
C GLY C 152 -11.04 37.08 2.66
N ILE C 153 -12.13 36.50 3.17
CA ILE C 153 -12.46 36.51 4.61
C ILE C 153 -11.93 35.20 5.19
N LEU C 154 -11.04 35.30 6.18
CA LEU C 154 -10.49 34.17 6.95
C LEU C 154 -11.62 33.56 7.77
N ARG C 155 -11.85 32.26 7.61
CA ARG C 155 -12.94 31.51 8.30
C ARG C 155 -12.35 30.46 9.25
N GLU C 156 -11.27 29.79 8.84
CA GLU C 156 -10.76 28.60 9.53
C GLU C 156 -9.24 28.63 9.41
N MET C 157 -8.54 28.32 10.49
CA MET C 157 -7.09 27.99 10.48
C MET C 157 -6.89 26.71 11.28
N ILE C 158 -6.19 25.73 10.72
CA ILE C 158 -5.90 24.45 11.41
C ILE C 158 -4.38 24.29 11.41
N TYR C 159 -3.77 24.17 12.59
CA TYR C 159 -2.35 23.77 12.77
C TYR C 159 -2.31 22.25 12.84
N VAL C 160 -1.41 21.64 12.07
CA VAL C 160 -1.27 20.17 11.96
C VAL C 160 0.16 19.84 12.37
N PRO C 161 0.38 19.10 13.48
CA PRO C 161 1.71 18.63 13.82
C PRO C 161 2.11 17.62 12.73
N GLY C 162 3.42 17.39 12.57
CA GLY C 162 3.92 16.45 11.56
C GLY C 162 5.42 16.37 11.54
N ASP C 163 5.95 15.67 10.54
CA ASP C 163 7.40 15.47 10.28
C ASP C 163 7.96 16.79 9.73
N LEU C 164 9.28 16.91 9.61
CA LEU C 164 9.96 18.08 8.98
C LEU C 164 10.89 17.54 7.87
N PHE C 165 10.35 16.75 6.95
CA PHE C 165 11.09 16.28 5.76
C PHE C 165 11.55 17.51 4.97
N SER C 166 12.57 17.36 4.12
CA SER C 166 12.87 18.35 3.07
C SER C 166 11.69 18.36 2.10
N VAL C 167 11.47 19.44 1.38
CA VAL C 167 10.35 19.57 0.41
C VAL C 167 10.90 19.94 -0.97
N ASN C 168 12.22 19.83 -1.18
CA ASN C 168 12.83 20.02 -2.53
C ASN C 168 12.27 18.98 -3.50
N HIS C 169 12.54 19.11 -4.80
CA HIS C 169 12.01 18.22 -5.86
C HIS C 169 12.53 16.79 -5.64
N LEU C 170 13.80 16.60 -5.23
CA LEU C 170 14.36 15.23 -4.96
C LEU C 170 13.44 14.52 -3.96
N THR C 171 13.16 15.15 -2.82
CA THR C 171 12.33 14.58 -1.72
C THR C 171 10.89 14.36 -2.20
N ALA C 172 10.31 15.34 -2.88
CA ALA C 172 8.95 15.25 -3.46
C ALA C 172 8.82 13.95 -4.24
N GLN C 173 9.87 13.56 -4.97
CA GLN C 173 9.86 12.43 -5.94
C GLN C 173 10.00 11.09 -5.21
N ASN C 174 10.23 11.08 -3.89
CA ASN C 174 10.74 9.89 -3.16
C ASN C 174 10.01 9.65 -1.84
N VAL C 175 9.60 10.68 -1.09
CA VAL C 175 8.85 10.51 0.18
C VAL C 175 7.36 10.52 -0.12
N PRO C 176 6.64 9.41 0.12
CA PRO C 176 5.18 9.41 -0.04
C PRO C 176 4.45 10.32 0.97
N ASN C 177 3.36 10.94 0.51
CA ASN C 177 2.42 11.76 1.32
C ASN C 177 3.15 12.91 2.02
N LEU C 178 4.18 13.45 1.37
CA LEU C 178 5.17 14.37 1.98
C LEU C 178 4.44 15.54 2.64
N PHE C 179 3.51 16.15 1.89
CA PHE C 179 2.84 17.42 2.29
C PHE C 179 1.72 17.11 3.29
N ALA C 180 1.21 15.88 3.27
CA ALA C 180 0.14 15.40 4.16
C ALA C 180 0.72 14.98 5.52
N ARG C 181 2.04 14.79 5.61
CA ARG C 181 2.65 14.36 6.87
C ARG C 181 3.58 15.42 7.49
N ASN C 182 4.08 16.35 6.69
CA ASN C 182 4.94 17.46 7.21
C ASN C 182 4.07 18.48 7.94
N GLU C 183 4.60 19.02 9.05
CA GLU C 183 3.96 20.10 9.87
C GLU C 183 3.50 21.22 8.94
N ARG C 184 2.30 21.75 9.15
CA ARG C 184 1.71 22.76 8.24
C ARG C 184 0.59 23.50 8.95
N VAL C 185 0.25 24.66 8.40
CA VAL C 185 -0.91 25.51 8.77
C VAL C 185 -1.84 25.67 7.56
N ILE C 186 -3.07 25.19 7.71
CA ILE C 186 -4.20 25.28 6.73
C ILE C 186 -5.00 26.55 7.03
N CYS C 187 -5.11 27.44 6.05
CA CYS C 187 -5.94 28.67 6.10
C CYS C 187 -7.09 28.54 5.08
N LEU C 188 -8.34 28.54 5.55
CA LEU C 188 -9.56 28.53 4.70
C LEU C 188 -10.19 29.92 4.68
N PHE C 189 -10.47 30.44 3.49
CA PHE C 189 -11.11 31.76 3.27
C PHE C 189 -12.40 31.60 2.46
N ASP C 190 -13.38 32.47 2.72
CA ASP C 190 -14.48 32.76 1.78
C ASP C 190 -13.96 33.80 0.80
N THR C 191 -14.20 33.60 -0.50
CA THR C 191 -13.81 34.52 -1.59
C THR C 191 -14.96 34.65 -2.59
N GLU C 192 -14.86 35.61 -3.52
CA GLU C 192 -15.78 35.76 -4.67
C GLU C 192 -15.69 34.52 -5.56
N PHE C 193 -14.71 33.61 -5.35
CA PHE C 193 -14.48 32.39 -6.16
C PHE C 193 -14.84 31.14 -5.35
N GLY C 194 -15.66 31.35 -4.32
CA GLY C 194 -16.10 30.30 -3.40
C GLY C 194 -15.07 30.09 -2.31
N PRO C 195 -15.02 28.91 -1.65
CA PRO C 195 -14.03 28.66 -0.63
C PRO C 195 -12.67 28.55 -1.34
N MET C 196 -11.63 29.00 -0.64
CA MET C 196 -10.23 28.91 -1.09
C MET C 196 -9.36 28.53 0.12
N ALA C 197 -8.53 27.50 -0.03
CA ALA C 197 -7.58 27.04 1.00
C ALA C 197 -6.16 27.43 0.57
N GLN C 198 -5.38 27.98 1.49
CA GLN C 198 -3.95 28.32 1.29
C GLN C 198 -3.22 27.76 2.49
N ILE C 199 -2.34 26.79 2.22
CA ILE C 199 -1.68 25.93 3.22
C ILE C 199 -0.17 26.19 3.19
N LEU C 200 0.38 26.58 4.34
CA LEU C 200 1.83 26.83 4.53
C LEU C 200 2.45 25.55 5.12
N VAL C 201 3.24 24.82 4.33
CA VAL C 201 3.89 23.55 4.77
C VAL C 201 5.35 23.82 5.10
N GLY C 202 5.76 23.51 6.33
CA GLY C 202 7.15 23.62 6.80
C GLY C 202 8.06 22.60 6.16
N ALA C 203 9.36 22.72 6.38
CA ALA C 203 10.41 21.78 5.95
C ALA C 203 11.49 21.71 7.03
N THR C 204 12.46 20.81 6.89
CA THR C 204 13.66 20.71 7.77
C THR C 204 14.34 22.09 7.84
N ILE C 205 14.81 22.49 9.03
CA ILE C 205 15.47 23.81 9.29
C ILE C 205 14.42 24.92 9.24
N VAL C 206 13.79 25.11 8.07
CA VAL C 206 12.79 26.18 7.84
C VAL C 206 11.41 25.61 8.21
N GLY C 207 11.18 25.47 9.52
CA GLY C 207 9.99 24.81 10.10
C GLY C 207 9.12 25.77 10.88
N SER C 208 9.48 27.05 10.96
CA SER C 208 8.69 28.06 11.70
C SER C 208 7.71 28.71 10.75
N ILE C 209 6.42 28.66 11.07
CA ILE C 209 5.31 29.23 10.24
C ILE C 209 4.62 30.33 11.06
N GLU C 210 4.32 31.45 10.41
CA GLU C 210 3.55 32.58 10.99
C GLU C 210 2.37 32.88 10.06
N THR C 211 1.34 33.52 10.62
CA THR C 211 0.32 34.30 9.88
C THR C 211 0.27 35.71 10.46
N VAL C 212 -0.14 36.69 9.66
CA VAL C 212 -0.13 38.14 10.03
C VAL C 212 -1.10 38.39 11.18
N TRP C 213 -2.16 37.58 11.28
CA TRP C 213 -3.28 37.75 12.24
C TRP C 213 -3.02 37.04 13.56
N ALA C 214 -2.05 36.13 13.64
CA ALA C 214 -1.86 35.24 14.83
C ALA C 214 -0.39 35.14 15.23
N GLY C 215 0.52 35.87 14.57
CA GLY C 215 1.96 35.77 14.83
C GLY C 215 2.50 34.40 14.47
N THR C 216 3.47 33.92 15.24
CA THR C 216 4.19 32.64 15.02
C THR C 216 3.31 31.51 15.54
N ILE C 217 2.96 30.55 14.67
CA ILE C 217 2.11 29.38 15.05
C ILE C 217 3.04 28.31 15.67
N THR C 218 4.24 28.15 15.10
CA THR C 218 5.21 27.10 15.47
C THR C 218 6.61 27.63 15.19
N PRO C 219 7.61 27.34 16.05
CA PRO C 219 7.39 26.67 17.34
C PRO C 219 6.65 27.56 18.33
N PRO C 220 6.30 27.09 19.55
CA PRO C 220 6.59 25.73 20.00
C PRO C 220 5.75 24.66 19.28
N ARG C 221 6.16 23.40 19.44
CA ARG C 221 5.57 22.21 18.78
C ARG C 221 4.90 21.35 19.85
N GLU C 222 3.62 21.58 20.11
CA GLU C 222 2.91 20.99 21.28
C GLU C 222 2.35 19.61 20.90
N GLY C 223 2.51 19.20 19.63
CA GLY C 223 2.22 17.83 19.14
C GLY C 223 0.73 17.55 18.93
N ILE C 224 -0.16 18.54 19.09
CA ILE C 224 -1.65 18.35 18.94
C ILE C 224 -2.14 19.24 17.79
N ILE C 225 -3.32 18.94 17.27
CA ILE C 225 -4.04 19.73 16.24
C ILE C 225 -4.84 20.83 16.94
N LYS C 226 -4.67 22.06 16.49
CA LYS C 226 -5.43 23.24 16.98
C LYS C 226 -6.22 23.80 15.80
N ARG C 227 -7.47 24.17 16.06
CA ARG C 227 -8.39 24.79 15.09
C ARG C 227 -8.87 26.14 15.66
N TRP C 228 -8.82 27.18 14.84
CA TRP C 228 -9.44 28.49 15.13
C TRP C 228 -10.47 28.81 14.03
N THR C 229 -11.57 29.46 14.40
CA THR C 229 -12.61 29.93 13.46
C THR C 229 -12.79 31.44 13.61
N TRP C 230 -13.25 32.05 12.53
CA TRP C 230 -13.66 33.48 12.43
C TRP C 230 -15.02 33.52 11.77
N PRO C 231 -15.85 34.54 12.08
CA PRO C 231 -17.15 34.68 11.44
C PRO C 231 -17.08 35.10 9.96
N ALA C 232 -18.22 35.05 9.27
CA ALA C 232 -18.44 35.56 7.89
C ALA C 232 -18.17 37.07 7.83
N GLY C 233 -17.95 37.61 6.62
CA GLY C 233 -17.47 38.99 6.40
C GLY C 233 -18.24 40.03 7.20
N GLU C 234 -19.56 39.98 7.10
CA GLU C 234 -20.54 40.89 7.75
C GLU C 234 -20.70 40.51 9.22
N ASN C 235 -19.73 40.83 10.07
CA ASN C 235 -19.80 40.55 11.53
C ASN C 235 -18.66 41.28 12.26
N ASP C 236 -18.86 41.55 13.56
CA ASP C 236 -17.84 42.10 14.46
C ASP C 236 -16.72 41.05 14.58
N GLY C 237 -15.46 41.50 14.52
CA GLY C 237 -14.27 40.67 14.80
C GLY C 237 -13.96 39.67 13.69
N SER C 238 -14.48 39.89 12.48
CA SER C 238 -14.09 39.14 11.26
C SER C 238 -12.78 39.72 10.72
N VAL C 239 -12.05 38.93 9.94
CA VAL C 239 -10.67 39.28 9.44
C VAL C 239 -10.70 39.14 7.92
N ALA C 240 -10.41 40.24 7.22
CA ALA C 240 -10.42 40.32 5.74
C ALA C 240 -9.03 40.70 5.25
N LEU C 241 -8.57 40.05 4.18
CA LEU C 241 -7.28 40.37 3.52
C LEU C 241 -7.55 40.57 2.04
N LEU C 242 -6.70 41.37 1.40
CA LEU C 242 -6.85 41.88 0.02
C LEU C 242 -5.86 41.15 -0.89
N LYS C 243 -6.24 40.91 -2.14
CA LYS C 243 -5.37 40.28 -3.18
C LYS C 243 -3.97 40.88 -3.03
N GLY C 244 -2.93 40.05 -2.96
CA GLY C 244 -1.52 40.48 -2.89
C GLY C 244 -1.06 40.91 -1.51
N GLN C 245 -1.94 40.98 -0.50
CA GLN C 245 -1.53 41.38 0.87
C GLN C 245 -0.81 40.20 1.54
N GLU C 246 0.32 40.48 2.21
CA GLU C 246 1.05 39.47 3.03
C GLU C 246 0.07 38.87 4.05
N MET C 247 0.06 37.52 4.14
CA MET C 247 -0.83 36.75 5.06
C MET C 247 -0.01 35.88 6.01
N GLY C 248 1.27 35.62 5.72
CA GLY C 248 2.09 34.71 6.53
C GLY C 248 3.53 34.62 6.04
N ARG C 249 4.36 33.78 6.67
CA ARG C 249 5.79 33.60 6.31
C ARG C 249 6.35 32.33 6.93
N PHE C 250 7.55 31.95 6.47
CA PHE C 250 8.39 30.85 6.99
C PHE C 250 9.69 31.45 7.51
N LYS C 251 10.21 30.94 8.63
CA LYS C 251 11.58 31.26 9.12
C LYS C 251 12.20 29.97 9.69
N LEU C 252 13.42 30.06 10.21
CA LEU C 252 14.17 28.91 10.73
C LEU C 252 13.77 28.70 12.19
N GLY C 253 13.58 27.43 12.56
CA GLY C 253 13.39 26.97 13.95
C GLY C 253 12.23 26.01 14.08
N THR D 2 6.96 25.50 1.21
CA THR D 2 6.00 25.08 0.19
C THR D 2 4.65 25.72 0.51
N VAL D 3 3.89 26.11 -0.52
CA VAL D 3 2.51 26.66 -0.36
C VAL D 3 1.56 25.85 -1.24
N ILE D 4 0.41 25.48 -0.69
CA ILE D 4 -0.62 24.70 -1.44
C ILE D 4 -1.93 25.48 -1.46
N ASN D 5 -2.45 25.70 -2.66
CA ASN D 5 -3.75 26.33 -2.87
C ASN D 5 -4.74 25.24 -3.30
N LEU D 6 -5.95 25.30 -2.77
CA LEU D 6 -7.11 24.50 -3.19
C LEU D 6 -8.21 25.48 -3.59
N PHE D 7 -8.78 25.29 -4.77
CA PHE D 7 -9.94 26.07 -5.28
C PHE D 7 -11.11 25.11 -5.52
N ALA D 8 -12.34 25.58 -5.29
CA ALA D 8 -13.60 24.80 -5.48
C ALA D 8 -13.75 24.42 -6.95
N PRO D 9 -14.47 23.32 -7.29
CA PRO D 9 -14.58 22.88 -8.68
C PRO D 9 -15.36 23.89 -9.53
N GLY D 10 -14.90 24.10 -10.77
CA GLY D 10 -15.54 24.98 -11.76
C GLY D 10 -15.56 26.45 -11.35
N LYS D 11 -14.60 26.91 -10.54
CA LYS D 11 -14.56 28.31 -10.05
C LYS D 11 -13.42 29.08 -10.72
N VAL D 12 -12.35 28.40 -11.12
CA VAL D 12 -11.15 29.03 -11.75
C VAL D 12 -10.57 28.12 -12.82
N ASN D 13 -9.92 28.69 -13.85
CA ASN D 13 -8.99 27.96 -14.74
C ASN D 13 -7.57 28.51 -14.58
N LEU D 14 -6.64 27.61 -14.31
CA LEU D 14 -5.18 27.91 -14.23
C LEU D 14 -4.73 28.48 -15.58
N VAL D 15 -3.94 29.55 -15.57
CA VAL D 15 -3.31 30.09 -16.82
C VAL D 15 -2.53 28.95 -17.47
N GLU D 16 -2.84 28.63 -18.73
CA GLU D 16 -2.38 27.38 -19.42
C GLU D 16 -0.85 27.38 -19.55
N GLN D 17 -0.20 28.55 -19.62
CA GLN D 17 1.27 28.71 -19.71
C GLN D 17 1.95 27.94 -18.57
N LEU D 18 1.40 28.00 -17.35
CA LEU D 18 2.05 27.48 -16.12
C LEU D 18 2.11 25.94 -16.14
N GLU D 19 3.25 25.38 -15.75
CA GLU D 19 3.49 23.92 -15.65
C GLU D 19 4.61 23.68 -14.62
N SER D 20 4.85 22.44 -14.26
CA SER D 20 5.89 22.06 -13.27
C SER D 20 7.20 22.78 -13.61
N LEU D 21 7.71 23.57 -12.67
CA LEU D 21 9.03 24.27 -12.64
C LEU D 21 8.95 25.67 -13.25
N SER D 22 7.79 26.07 -13.80
CA SER D 22 7.49 27.48 -14.17
C SER D 22 7.85 28.40 -13.00
N VAL D 23 8.51 29.52 -13.27
CA VAL D 23 8.93 30.46 -12.20
C VAL D 23 7.67 31.23 -11.75
N THR D 24 7.53 31.46 -10.44
CA THR D 24 6.43 32.25 -9.83
C THR D 24 7.02 33.50 -9.16
N LYS D 25 6.35 34.64 -9.34
CA LYS D 25 6.60 35.92 -8.61
C LYS D 25 5.25 36.40 -8.07
N ILE D 26 5.17 36.79 -6.80
CA ILE D 26 3.92 37.30 -6.15
C ILE D 26 3.27 38.33 -7.09
N GLY D 27 1.98 38.18 -7.36
CA GLY D 27 1.18 39.17 -8.12
C GLY D 27 1.05 38.85 -9.60
N GLN D 28 1.93 38.00 -10.16
CA GLN D 28 1.76 37.49 -11.55
C GLN D 28 0.49 36.62 -11.59
N PRO D 29 -0.17 36.51 -12.78
CA PRO D 29 -1.39 35.71 -12.90
C PRO D 29 -1.20 34.21 -12.66
N LEU D 30 -2.09 33.65 -11.83
CA LEU D 30 -2.11 32.21 -11.45
C LEU D 30 -3.29 31.51 -12.11
N ALA D 31 -4.45 32.16 -12.08
CA ALA D 31 -5.72 31.61 -12.58
C ALA D 31 -6.72 32.74 -12.82
N VAL D 32 -7.78 32.42 -13.55
CA VAL D 32 -8.80 33.39 -14.06
C VAL D 32 -10.18 32.82 -13.74
N SER D 33 -11.10 33.64 -13.26
CA SER D 33 -12.47 33.23 -12.83
C SER D 33 -13.23 32.60 -14.00
N THR D 34 -14.26 31.80 -13.70
CA THR D 34 -15.30 31.31 -14.66
C THR D 34 -16.71 31.67 -14.13
N LEU E 7 -14.53 -31.43 1.28
CA LEU E 7 -14.67 -30.92 -0.14
C LEU E 7 -13.56 -29.90 -0.47
N SER E 8 -12.51 -29.79 0.35
CA SER E 8 -11.20 -29.15 0.00
C SER E 8 -10.18 -30.25 -0.34
N LEU E 9 -10.57 -31.14 -1.28
CA LEU E 9 -9.68 -31.86 -2.23
C LEU E 9 -9.31 -30.91 -3.39
N GLN E 10 -9.52 -29.60 -3.21
CA GLN E 10 -9.22 -28.52 -4.19
C GLN E 10 -7.69 -28.35 -4.27
N TYR E 11 -6.96 -28.68 -3.20
CA TYR E 11 -5.47 -28.72 -3.16
C TYR E 11 -4.97 -30.14 -3.51
N ILE E 12 -5.76 -31.19 -3.22
CA ILE E 12 -5.45 -32.61 -3.58
C ILE E 12 -5.53 -32.79 -5.11
N LEU E 13 -6.72 -32.56 -5.72
CA LEU E 13 -7.03 -32.78 -7.16
C LEU E 13 -5.93 -32.20 -8.05
N PRO E 14 -5.62 -32.83 -9.21
CA PRO E 14 -4.66 -32.26 -10.17
C PRO E 14 -5.43 -31.40 -11.19
N LYS E 15 -5.70 -30.16 -10.78
CA LYS E 15 -6.75 -29.25 -11.35
C LYS E 15 -6.55 -29.02 -12.84
N LEU E 16 -5.30 -28.87 -13.30
CA LEU E 16 -4.98 -28.62 -14.72
C LEU E 16 -5.30 -29.89 -15.53
N TRP E 17 -4.77 -31.04 -15.10
CA TRP E 17 -4.95 -32.34 -15.79
C TRP E 17 -6.46 -32.61 -15.96
N LEU E 18 -7.25 -32.43 -14.89
CA LEU E 18 -8.73 -32.58 -14.89
C LEU E 18 -9.35 -31.66 -15.94
N THR E 19 -8.87 -30.42 -16.01
CA THR E 19 -9.39 -29.36 -16.91
C THR E 19 -9.08 -29.75 -18.36
N ARG E 20 -7.86 -30.21 -18.63
CA ARG E 20 -7.41 -30.66 -19.99
C ARG E 20 -8.31 -31.82 -20.43
N LEU E 21 -8.59 -32.76 -19.51
CA LEU E 21 -9.47 -33.93 -19.74
C LEU E 21 -10.87 -33.44 -20.14
N ALA E 22 -11.56 -32.72 -19.25
CA ALA E 22 -12.93 -32.19 -19.47
C ALA E 22 -13.00 -31.46 -20.82
N GLY E 23 -11.95 -30.73 -21.19
CA GLY E 23 -11.86 -29.99 -22.46
C GLY E 23 -11.77 -30.89 -23.65
N TRP E 24 -11.02 -31.99 -23.52
CA TRP E 24 -10.98 -33.06 -24.55
C TRP E 24 -12.42 -33.60 -24.71
N GLY E 25 -13.03 -34.04 -23.62
CA GLY E 25 -14.41 -34.55 -23.57
C GLY E 25 -15.43 -33.56 -24.10
N ALA E 26 -15.37 -32.30 -23.66
CA ALA E 26 -16.39 -31.28 -23.96
C ALA E 26 -16.36 -30.92 -25.46
N SER E 27 -15.26 -31.18 -26.15
CA SER E 27 -15.07 -30.76 -27.56
C SER E 27 -15.32 -31.94 -28.53
N LYS E 28 -15.52 -33.16 -28.02
CA LYS E 28 -15.82 -34.38 -28.85
C LYS E 28 -17.30 -34.36 -29.26
N ARG E 29 -17.58 -34.76 -30.52
CA ARG E 29 -18.94 -35.01 -31.09
C ARG E 29 -19.25 -36.51 -30.94
N ALA E 30 -19.91 -36.91 -29.84
CA ALA E 30 -20.25 -38.33 -29.51
C ALA E 30 -21.78 -38.56 -29.54
N GLY E 31 -22.49 -37.85 -30.43
CA GLY E 31 -23.96 -37.87 -30.59
C GLY E 31 -24.67 -38.17 -29.28
N TRP E 32 -25.01 -39.45 -29.06
CA TRP E 32 -25.92 -39.92 -27.97
C TRP E 32 -25.29 -39.67 -26.59
N LEU E 33 -23.96 -39.85 -26.44
CA LEU E 33 -23.21 -39.72 -25.16
C LEU E 33 -23.07 -38.22 -24.79
N THR E 34 -22.87 -37.38 -25.80
CA THR E 34 -22.89 -35.90 -25.64
C THR E 34 -24.28 -35.49 -25.12
N LYS E 35 -25.33 -35.91 -25.82
CA LYS E 35 -26.75 -35.62 -25.45
C LYS E 35 -26.99 -36.10 -24.00
N LEU E 36 -26.46 -37.28 -23.65
CA LEU E 36 -26.67 -37.88 -22.31
C LEU E 36 -26.05 -36.95 -21.25
N VAL E 37 -24.76 -36.64 -21.41
CA VAL E 37 -23.99 -35.81 -20.42
C VAL E 37 -24.59 -34.40 -20.39
N ILE E 38 -25.00 -33.87 -21.54
CA ILE E 38 -25.71 -32.56 -21.57
C ILE E 38 -26.95 -32.68 -20.68
N ASP E 39 -27.75 -33.74 -20.90
CA ASP E 39 -29.10 -33.91 -20.29
C ASP E 39 -28.93 -34.10 -18.77
N LEU E 40 -28.01 -34.96 -18.35
CA LEU E 40 -27.64 -35.13 -16.92
C LEU E 40 -27.27 -33.78 -16.32
N PHE E 41 -26.38 -33.04 -17.00
CA PHE E 41 -25.94 -31.69 -16.60
C PHE E 41 -27.17 -30.79 -16.46
N VAL E 42 -28.01 -30.74 -17.49
CA VAL E 42 -29.23 -29.87 -17.50
C VAL E 42 -30.07 -30.20 -16.26
N LYS E 43 -30.22 -31.48 -15.95
CA LYS E 43 -31.11 -31.97 -14.87
C LYS E 43 -30.45 -31.67 -13.53
N TYR E 44 -29.22 -32.11 -13.32
CA TYR E 44 -28.49 -31.96 -12.03
C TYR E 44 -28.38 -30.47 -11.65
N TYR E 45 -28.24 -29.56 -12.63
CA TYR E 45 -27.92 -28.13 -12.38
C TYR E 45 -29.17 -27.25 -12.51
N LYS E 46 -30.31 -27.80 -12.94
CA LYS E 46 -31.61 -27.09 -13.07
C LYS E 46 -31.46 -25.98 -14.11
N VAL E 47 -30.77 -26.28 -15.21
CA VAL E 47 -30.60 -25.37 -16.38
C VAL E 47 -31.98 -25.09 -16.98
N ASP E 48 -32.27 -23.83 -17.27
CA ASP E 48 -33.58 -23.36 -17.82
C ASP E 48 -33.46 -23.22 -19.35
N MET E 49 -33.42 -24.33 -20.07
CA MET E 49 -33.33 -24.35 -21.57
C MET E 49 -34.47 -23.57 -22.23
N LYS E 50 -35.48 -23.13 -21.47
CA LYS E 50 -36.55 -22.22 -21.98
C LYS E 50 -35.88 -21.00 -22.64
N GLU E 51 -34.89 -20.41 -21.96
CA GLU E 51 -34.20 -19.14 -22.33
C GLU E 51 -33.25 -19.34 -23.52
N ALA E 52 -32.86 -20.57 -23.82
CA ALA E 52 -31.93 -20.90 -24.93
C ALA E 52 -32.54 -20.58 -26.29
N GLN E 53 -31.71 -20.15 -27.23
CA GLN E 53 -32.06 -19.89 -28.64
C GLN E 53 -32.39 -21.22 -29.34
N LYS E 54 -31.82 -22.33 -28.91
CA LYS E 54 -32.10 -23.69 -29.46
C LYS E 54 -32.41 -24.59 -28.26
N PRO E 55 -33.67 -24.61 -27.75
CA PRO E 55 -33.98 -25.30 -26.50
C PRO E 55 -33.85 -26.83 -26.54
N ASP E 56 -33.90 -27.44 -27.74
CA ASP E 56 -33.78 -28.91 -27.87
C ASP E 56 -32.34 -29.30 -27.52
N THR E 57 -32.13 -29.99 -26.41
CA THR E 57 -30.81 -30.44 -25.92
C THR E 57 -30.13 -31.28 -27.01
N ALA E 58 -30.87 -31.72 -28.03
CA ALA E 58 -30.34 -32.53 -29.15
C ALA E 58 -29.73 -31.64 -30.23
N SER E 59 -29.88 -30.32 -30.14
CA SER E 59 -29.46 -29.34 -31.17
C SER E 59 -27.94 -29.04 -31.09
N TYR E 60 -27.23 -29.60 -30.12
CA TYR E 60 -25.82 -29.23 -29.75
C TYR E 60 -24.88 -30.38 -30.14
N ARG E 61 -23.97 -30.11 -31.09
CA ARG E 61 -23.02 -31.10 -31.68
C ARG E 61 -22.03 -31.56 -30.60
N THR E 62 -21.52 -30.67 -29.73
CA THR E 62 -20.55 -31.00 -28.63
C THR E 62 -21.05 -30.41 -27.30
N PHE E 63 -20.58 -30.94 -26.16
CA PHE E 63 -20.95 -30.40 -24.82
C PHE E 63 -20.65 -28.90 -24.77
N ASN E 64 -19.43 -28.49 -25.18
CA ASN E 64 -18.96 -27.07 -25.16
C ASN E 64 -19.95 -26.18 -25.90
N GLU E 65 -20.44 -26.63 -27.07
CA GLU E 65 -21.43 -25.86 -27.88
C GLU E 65 -22.61 -25.51 -26.97
N PHE E 66 -23.03 -26.48 -26.14
CA PHE E 66 -24.16 -26.34 -25.18
C PHE E 66 -23.77 -25.36 -24.06
N PHE E 67 -22.61 -25.56 -23.47
CA PHE E 67 -22.10 -24.77 -22.31
C PHE E 67 -22.13 -23.28 -22.69
N VAL E 68 -21.71 -23.02 -23.92
CA VAL E 68 -21.52 -21.66 -24.50
C VAL E 68 -22.77 -21.23 -25.26
N ARG E 69 -23.92 -21.86 -24.97
CA ARG E 69 -25.18 -21.70 -25.76
C ARG E 69 -25.58 -20.24 -25.80
N PRO E 70 -26.14 -19.74 -26.92
CA PRO E 70 -26.76 -18.42 -26.96
C PRO E 70 -28.12 -18.39 -26.25
N LEU E 71 -28.58 -17.21 -25.80
CA LEU E 71 -29.94 -17.01 -25.25
C LEU E 71 -30.86 -16.34 -26.29
N ARG E 72 -32.17 -16.37 -26.05
CA ARG E 72 -33.17 -15.67 -26.89
C ARG E 72 -32.97 -14.17 -26.62
N ASP E 73 -32.80 -13.36 -27.68
CA ASP E 73 -32.60 -11.90 -27.54
C ASP E 73 -33.56 -11.36 -26.46
N GLU E 74 -34.83 -11.76 -26.52
CA GLU E 74 -35.97 -11.18 -25.74
C GLU E 74 -35.85 -11.45 -24.24
N VAL E 75 -35.09 -12.46 -23.80
CA VAL E 75 -35.08 -12.85 -22.35
C VAL E 75 -34.09 -11.98 -21.58
N ARG E 76 -33.25 -11.22 -22.28
CA ARG E 76 -32.21 -10.35 -21.68
C ARG E 76 -32.37 -8.94 -22.24
N PRO E 77 -33.44 -8.24 -21.83
CA PRO E 77 -33.66 -6.88 -22.30
C PRO E 77 -32.54 -5.98 -21.76
N ILE E 78 -31.93 -5.18 -22.66
CA ILE E 78 -30.82 -4.25 -22.33
C ILE E 78 -31.40 -2.86 -22.08
N ASP E 79 -31.45 -2.41 -20.82
CA ASP E 79 -31.84 -1.03 -20.44
C ASP E 79 -30.99 -0.06 -21.27
N THR E 80 -31.63 0.79 -22.08
CA THR E 80 -30.95 1.72 -23.04
C THR E 80 -30.75 3.11 -22.41
N ASP E 81 -31.21 3.35 -21.18
CA ASP E 81 -30.87 4.55 -20.35
C ASP E 81 -29.35 4.73 -20.28
N PRO E 82 -28.77 5.75 -20.94
CA PRO E 82 -27.31 5.87 -21.06
C PRO E 82 -26.61 6.34 -19.77
N ASN E 83 -27.38 6.61 -18.71
CA ASN E 83 -26.84 6.84 -17.34
C ASN E 83 -26.68 5.52 -16.59
N VAL E 84 -27.21 4.42 -17.15
CA VAL E 84 -27.24 3.11 -16.46
C VAL E 84 -26.14 2.24 -17.06
N LEU E 85 -25.25 1.76 -16.19
CA LEU E 85 -24.33 0.62 -16.53
C LEU E 85 -25.09 -0.65 -16.15
N VAL E 86 -25.23 -1.57 -17.12
CA VAL E 86 -26.00 -2.82 -16.95
C VAL E 86 -25.07 -3.96 -16.56
N MET E 87 -25.64 -5.04 -16.06
CA MET E 87 -24.91 -6.26 -15.63
C MET E 87 -24.31 -6.96 -16.85
N PRO E 88 -23.06 -7.43 -16.75
CA PRO E 88 -22.41 -8.10 -17.89
C PRO E 88 -22.55 -9.62 -17.93
N ALA E 89 -23.00 -10.24 -16.84
CA ALA E 89 -23.09 -11.71 -16.70
C ALA E 89 -24.26 -12.15 -15.79
N ASP E 90 -24.98 -13.16 -16.26
CA ASP E 90 -25.94 -13.99 -15.50
C ASP E 90 -25.19 -14.75 -14.41
N GLY E 91 -25.81 -14.84 -13.24
CA GLY E 91 -25.25 -15.46 -12.04
C GLY E 91 -25.75 -14.71 -10.82
N VAL E 92 -24.87 -14.54 -9.83
CA VAL E 92 -25.21 -13.82 -8.58
C VAL E 92 -24.01 -12.95 -8.17
N ILE E 93 -24.28 -11.87 -7.45
CA ILE E 93 -23.21 -10.98 -6.91
C ILE E 93 -22.43 -11.83 -5.89
N SER E 94 -21.10 -11.89 -6.02
CA SER E 94 -20.17 -12.48 -5.01
C SER E 94 -19.97 -11.46 -3.90
N GLN E 95 -19.41 -10.30 -4.25
CA GLN E 95 -19.30 -9.09 -3.39
C GLN E 95 -19.26 -7.85 -4.28
N LEU E 96 -19.51 -6.69 -3.71
CA LEU E 96 -19.36 -5.40 -4.43
C LEU E 96 -19.33 -4.24 -3.43
N GLY E 97 -18.89 -3.08 -3.91
CA GLY E 97 -18.76 -1.87 -3.10
C GLY E 97 -17.49 -1.11 -3.42
N LYS E 98 -17.09 -0.26 -2.48
CA LYS E 98 -15.91 0.62 -2.58
C LYS E 98 -14.67 -0.27 -2.55
N ILE E 99 -13.68 0.07 -3.38
CA ILE E 99 -12.28 -0.43 -3.25
C ILE E 99 -11.63 0.40 -2.14
N GLU E 100 -11.40 -0.18 -0.96
CA GLU E 100 -10.81 0.54 0.21
C GLU E 100 -9.32 0.76 -0.05
N GLU E 101 -8.99 1.85 -0.75
CA GLU E 101 -7.64 2.16 -1.29
C GLU E 101 -7.27 1.09 -2.35
N ASP E 102 -6.47 0.08 -1.99
CA ASP E 102 -6.03 -1.01 -2.92
C ASP E 102 -6.77 -2.30 -2.54
N LYS E 103 -7.53 -2.29 -1.44
CA LYS E 103 -8.14 -3.50 -0.81
C LYS E 103 -9.53 -3.77 -1.43
N ILE E 104 -9.74 -4.99 -1.92
CA ILE E 104 -11.02 -5.51 -2.50
C ILE E 104 -11.51 -6.67 -1.63
N LEU E 105 -12.80 -6.71 -1.31
CA LEU E 105 -13.40 -7.79 -0.49
C LEU E 105 -13.62 -9.03 -1.36
N GLN E 106 -13.12 -10.18 -0.92
CA GLN E 106 -13.30 -11.49 -1.59
C GLN E 106 -14.41 -12.24 -0.87
N ALA E 107 -14.29 -12.38 0.45
CA ALA E 107 -15.30 -12.94 1.37
C ALA E 107 -15.06 -12.33 2.76
N LYS E 108 -15.87 -12.68 3.77
CA LYS E 108 -15.68 -12.21 5.17
C LYS E 108 -14.26 -12.59 5.61
N GLY E 109 -13.45 -11.60 6.01
CA GLY E 109 -12.09 -11.77 6.56
C GLY E 109 -11.09 -12.24 5.51
N HIS E 110 -11.29 -11.83 4.25
CA HIS E 110 -10.42 -12.18 3.10
C HIS E 110 -10.44 -11.00 2.13
N ASN E 111 -9.41 -10.16 2.15
CA ASN E 111 -9.24 -9.03 1.18
C ASN E 111 -8.21 -9.44 0.14
N TYR E 112 -8.09 -8.70 -0.96
CA TYR E 112 -6.99 -8.91 -1.93
C TYR E 112 -6.59 -7.60 -2.59
N SER E 113 -5.30 -7.49 -2.93
CA SER E 113 -4.68 -6.29 -3.55
C SER E 113 -5.26 -6.08 -4.96
N LEU E 114 -5.63 -4.84 -5.26
CA LEU E 114 -5.99 -4.36 -6.61
C LEU E 114 -4.82 -4.59 -7.57
N GLU E 115 -3.60 -4.29 -7.11
CA GLU E 115 -2.34 -4.50 -7.86
C GLU E 115 -2.17 -6.00 -8.17
N ALA E 116 -2.45 -6.87 -7.19
CA ALA E 116 -2.35 -8.34 -7.34
C ALA E 116 -3.29 -8.79 -8.45
N LEU E 117 -4.55 -8.37 -8.37
CA LEU E 117 -5.59 -8.71 -9.36
C LEU E 117 -5.08 -8.36 -10.75
N LEU E 118 -4.39 -7.22 -10.86
CA LEU E 118 -3.93 -6.68 -12.15
C LEU E 118 -2.46 -7.09 -12.40
N ALA E 119 -1.99 -8.18 -11.77
CA ALA E 119 -0.73 -8.86 -12.11
C ALA E 119 0.42 -7.84 -12.13
N GLY E 120 0.42 -6.97 -11.11
CA GLY E 120 1.54 -6.09 -10.78
C GLY E 120 1.51 -4.82 -11.60
N ASN E 121 0.40 -4.58 -12.32
CA ASN E 121 0.21 -3.40 -13.20
C ASN E 121 -0.18 -2.17 -12.35
N TYR E 122 0.81 -1.50 -11.74
CA TYR E 122 0.62 -0.34 -10.83
C TYR E 122 -0.07 0.83 -11.53
N LEU E 123 0.16 1.03 -12.83
CA LEU E 123 -0.48 2.11 -13.63
C LEU E 123 -1.99 1.88 -13.69
N MET E 124 -2.40 0.68 -14.09
CA MET E 124 -3.84 0.33 -14.19
C MET E 124 -4.46 0.43 -12.79
N ALA E 125 -3.83 -0.15 -11.77
CA ALA E 125 -4.34 -0.13 -10.39
C ALA E 125 -4.66 1.31 -9.96
N ASP E 126 -3.83 2.27 -10.37
CA ASP E 126 -4.00 3.69 -9.94
C ASP E 126 -5.34 4.22 -10.46
N LEU E 127 -5.73 3.79 -11.67
CA LEU E 127 -7.02 4.20 -12.29
C LEU E 127 -8.17 3.90 -11.32
N PHE E 128 -8.05 2.88 -10.47
CA PHE E 128 -9.20 2.28 -9.74
C PHE E 128 -9.05 2.42 -8.22
N ARG E 129 -7.93 2.96 -7.73
CA ARG E 129 -7.74 3.23 -6.28
C ARG E 129 -8.95 4.02 -5.78
N ASN E 130 -9.61 3.53 -4.72
CA ASN E 130 -10.79 4.12 -4.06
C ASN E 130 -12.03 4.09 -4.95
N GLY E 131 -11.99 3.34 -6.05
CA GLY E 131 -13.13 3.22 -6.98
C GLY E 131 -14.12 2.16 -6.51
N THR E 132 -14.85 1.61 -7.47
CA THR E 132 -15.98 0.67 -7.23
C THR E 132 -15.63 -0.66 -7.91
N PHE E 133 -15.98 -1.78 -7.28
CA PHE E 133 -15.85 -3.12 -7.88
C PHE E 133 -17.15 -3.91 -7.75
N VAL E 134 -17.36 -4.79 -8.72
CA VAL E 134 -18.44 -5.82 -8.72
C VAL E 134 -17.80 -7.12 -9.17
N THR E 135 -17.96 -8.16 -8.35
CA THR E 135 -17.50 -9.53 -8.64
C THR E 135 -18.75 -10.39 -8.84
N THR E 136 -18.99 -10.80 -10.09
CA THR E 136 -20.15 -11.64 -10.48
C THR E 136 -19.66 -13.09 -10.56
N TYR E 137 -20.41 -14.03 -9.97
CA TYR E 137 -20.13 -15.49 -10.00
C TYR E 137 -21.09 -16.15 -10.98
N LEU E 138 -20.54 -16.79 -12.02
CA LEU E 138 -21.29 -17.61 -12.99
C LEU E 138 -21.20 -19.08 -12.53
N SER E 139 -22.34 -19.69 -12.18
CA SER E 139 -22.45 -21.13 -11.82
C SER E 139 -22.67 -21.91 -13.11
N PRO E 140 -22.39 -23.24 -13.11
CA PRO E 140 -22.55 -24.05 -14.33
C PRO E 140 -23.94 -23.92 -14.96
N ARG E 141 -24.95 -23.76 -14.10
CA ARG E 141 -26.37 -23.47 -14.45
C ARG E 141 -26.45 -22.35 -15.48
N ASP E 142 -25.70 -21.28 -15.24
CA ASP E 142 -25.89 -19.96 -15.90
C ASP E 142 -25.34 -19.99 -17.33
N TYR E 143 -25.86 -19.08 -18.17
CA TYR E 143 -25.31 -18.67 -19.48
C TYR E 143 -23.88 -18.22 -19.25
N HIS E 144 -22.93 -18.72 -20.06
CA HIS E 144 -21.47 -18.54 -19.82
C HIS E 144 -20.83 -17.57 -20.84
N ARG E 145 -21.59 -16.64 -21.40
CA ARG E 145 -20.98 -15.52 -22.18
C ARG E 145 -21.07 -14.24 -21.35
N VAL E 146 -20.16 -13.30 -21.63
CA VAL E 146 -20.04 -12.02 -20.90
C VAL E 146 -20.28 -10.87 -21.87
N HIS E 147 -21.18 -9.95 -21.49
CA HIS E 147 -21.64 -8.81 -22.32
C HIS E 147 -21.13 -7.51 -21.69
N MET E 148 -21.05 -6.45 -22.49
CA MET E 148 -20.58 -5.11 -22.07
C MET E 148 -21.61 -4.44 -21.18
N PRO E 149 -21.18 -3.82 -20.06
CA PRO E 149 -22.09 -3.13 -19.15
C PRO E 149 -22.50 -1.74 -19.66
N CYS E 150 -21.70 -1.23 -20.61
CA CYS E 150 -21.90 0.07 -21.31
C CYS E 150 -21.05 0.09 -22.59
N ASN E 151 -21.30 1.07 -23.45
CA ASN E 151 -20.40 1.34 -24.61
C ASN E 151 -18.97 1.42 -24.09
N GLY E 152 -17.99 0.97 -24.87
CA GLY E 152 -16.57 1.18 -24.52
C GLY E 152 -15.64 1.02 -25.70
N ILE E 153 -14.53 1.74 -25.66
CA ILE E 153 -13.37 1.53 -26.57
C ILE E 153 -12.39 0.61 -25.82
N LEU E 154 -12.08 -0.54 -26.41
CA LEU E 154 -11.04 -1.50 -25.92
C LEU E 154 -9.68 -0.84 -26.07
N ARG E 155 -8.91 -0.75 -24.99
CA ARG E 155 -7.57 -0.11 -24.95
C ARG E 155 -6.48 -1.13 -24.61
N GLU E 156 -6.75 -2.06 -23.71
CA GLU E 156 -5.73 -2.96 -23.13
C GLU E 156 -6.40 -4.31 -22.85
N MET E 157 -5.70 -5.40 -23.15
CA MET E 157 -6.06 -6.77 -22.69
C MET E 157 -4.79 -7.44 -22.17
N ILE E 158 -4.85 -8.00 -20.98
CA ILE E 158 -3.69 -8.68 -20.33
C ILE E 158 -4.16 -10.09 -20.00
N TYR E 159 -3.49 -11.11 -20.55
CA TYR E 159 -3.63 -12.52 -20.14
C TYR E 159 -2.67 -12.78 -18.97
N VAL E 160 -3.18 -13.40 -17.92
CA VAL E 160 -2.41 -13.70 -16.67
C VAL E 160 -2.46 -15.21 -16.47
N PRO E 161 -1.32 -15.93 -16.54
CA PRO E 161 -1.30 -17.34 -16.17
C PRO E 161 -1.59 -17.44 -14.67
N GLY E 162 -2.07 -18.60 -14.22
CA GLY E 162 -2.42 -18.82 -12.81
C GLY E 162 -2.97 -20.20 -12.54
N ASP E 163 -3.43 -20.42 -11.31
CA ASP E 163 -4.04 -21.68 -10.82
C ASP E 163 -5.45 -21.80 -11.45
N LEU E 164 -6.11 -22.95 -11.31
CA LEU E 164 -7.50 -23.17 -11.74
C LEU E 164 -8.30 -23.70 -10.54
N PHE E 165 -8.25 -22.98 -9.41
CA PHE E 165 -9.11 -23.25 -8.23
C PHE E 165 -10.56 -23.21 -8.66
N SER E 166 -11.45 -23.83 -7.90
CA SER E 166 -12.90 -23.56 -7.95
C SER E 166 -13.11 -22.10 -7.52
N VAL E 167 -14.20 -21.49 -7.97
CA VAL E 167 -14.52 -20.07 -7.63
C VAL E 167 -15.91 -20.00 -7.00
N ASN E 168 -16.49 -21.13 -6.59
CA ASN E 168 -17.76 -21.16 -5.83
C ASN E 168 -17.56 -20.42 -4.49
N HIS E 169 -18.65 -20.17 -3.77
CA HIS E 169 -18.66 -19.38 -2.50
C HIS E 169 -17.81 -20.10 -1.45
N LEU E 170 -17.89 -21.45 -1.36
CA LEU E 170 -17.09 -22.22 -0.36
C LEU E 170 -15.60 -21.85 -0.56
N THR E 171 -15.11 -21.95 -1.79
CA THR E 171 -13.67 -21.67 -2.14
C THR E 171 -13.34 -20.20 -1.85
N ALA E 172 -14.20 -19.28 -2.28
CA ALA E 172 -14.05 -17.83 -2.07
C ALA E 172 -13.75 -17.56 -0.59
N GLN E 173 -14.42 -18.29 0.30
CA GLN E 173 -14.41 -18.05 1.77
C GLN E 173 -13.14 -18.62 2.41
N ASN E 174 -12.29 -19.34 1.65
CA ASN E 174 -11.24 -20.22 2.23
C ASN E 174 -9.88 -20.08 1.52
N VAL E 175 -9.83 -19.90 0.19
CA VAL E 175 -8.55 -19.72 -0.56
C VAL E 175 -8.21 -18.23 -0.62
N PRO E 176 -7.09 -17.78 -0.01
CA PRO E 176 -6.65 -16.39 -0.14
C PRO E 176 -6.24 -16.01 -1.58
N ASN E 177 -6.53 -14.76 -1.95
CA ASN E 177 -6.14 -14.11 -3.23
C ASN E 177 -6.64 -14.94 -4.42
N LEU E 178 -7.81 -15.56 -4.29
CA LEU E 178 -8.34 -16.59 -5.22
C LEU E 178 -8.33 -16.06 -6.65
N PHE E 179 -8.88 -14.85 -6.83
CA PHE E 179 -9.12 -14.23 -8.16
C PHE E 179 -7.83 -13.59 -8.67
N ALA E 180 -6.89 -13.28 -7.77
CA ALA E 180 -5.57 -12.70 -8.08
C ALA E 180 -4.59 -13.81 -8.48
N ARG E 181 -4.91 -15.08 -8.21
CA ARG E 181 -3.97 -16.19 -8.51
C ARG E 181 -4.52 -17.14 -9.57
N ASN E 182 -5.84 -17.17 -9.77
CA ASN E 182 -6.48 -18.00 -10.83
C ASN E 182 -6.26 -17.34 -12.19
N GLU E 183 -5.99 -18.16 -13.22
CA GLU E 183 -5.81 -17.74 -14.63
C GLU E 183 -6.95 -16.81 -15.02
N ARG E 184 -6.66 -15.71 -15.71
CA ARG E 184 -7.71 -14.71 -16.04
C ARG E 184 -7.24 -13.85 -17.22
N VAL E 185 -8.21 -13.16 -17.83
CA VAL E 185 -8.01 -12.11 -18.86
C VAL E 185 -8.61 -10.78 -18.35
N ILE E 186 -7.76 -9.76 -18.24
CA ILE E 186 -8.09 -8.36 -17.88
C ILE E 186 -8.35 -7.57 -19.18
N CYS E 187 -9.55 -7.00 -19.32
CA CYS E 187 -9.94 -6.06 -20.42
C CYS E 187 -10.16 -4.66 -19.86
N LEU E 188 -9.38 -3.68 -20.32
CA LEU E 188 -9.54 -2.24 -19.97
C LEU E 188 -10.19 -1.49 -21.14
N PHE E 189 -11.24 -0.73 -20.86
CA PHE E 189 -11.95 0.10 -21.86
C PHE E 189 -12.00 1.56 -21.41
N ASP E 190 -11.99 2.47 -22.39
CA ASP E 190 -12.42 3.87 -22.18
C ASP E 190 -13.94 3.88 -22.30
N THR E 191 -14.61 4.57 -21.38
CA THR E 191 -16.08 4.78 -21.40
C THR E 191 -16.41 6.22 -21.03
N GLU E 192 -17.66 6.63 -21.19
CA GLU E 192 -18.19 7.93 -20.71
C GLU E 192 -18.13 7.96 -19.18
N PHE E 193 -17.79 6.86 -18.50
CA PHE E 193 -17.70 6.77 -17.01
C PHE E 193 -16.24 6.61 -16.58
N GLY E 194 -15.34 7.01 -17.49
CA GLY E 194 -13.89 6.94 -17.31
C GLY E 194 -13.40 5.54 -17.65
N PRO E 195 -12.23 5.13 -17.12
CA PRO E 195 -11.70 3.81 -17.41
C PRO E 195 -12.60 2.80 -16.70
N MET E 196 -12.76 1.65 -17.35
CA MET E 196 -13.60 0.53 -16.85
C MET E 196 -12.86 -0.76 -17.16
N ALA E 197 -12.69 -1.60 -16.15
CA ALA E 197 -12.03 -2.92 -16.28
C ALA E 197 -13.11 -4.00 -16.19
N GLN E 198 -13.05 -4.96 -17.11
CA GLN E 198 -13.91 -6.17 -17.07
C GLN E 198 -12.98 -7.36 -17.21
N ILE E 199 -12.92 -8.17 -16.14
CA ILE E 199 -11.94 -9.26 -15.94
C ILE E 199 -12.67 -10.60 -15.94
N LEU E 200 -12.29 -11.49 -16.88
CA LEU E 200 -12.82 -12.87 -17.00
C LEU E 200 -11.88 -13.81 -16.25
N VAL E 201 -12.26 -14.32 -15.07
CA VAL E 201 -11.44 -15.25 -14.25
C VAL E 201 -11.92 -16.68 -14.48
N GLY E 202 -11.02 -17.54 -14.93
CA GLY E 202 -11.30 -18.98 -15.13
C GLY E 202 -11.43 -19.72 -13.81
N ALA E 203 -11.86 -20.97 -13.89
CA ALA E 203 -12.02 -21.88 -12.74
C ALA E 203 -11.65 -23.29 -13.22
N THR E 204 -11.59 -24.25 -12.29
CA THR E 204 -11.39 -25.69 -12.60
C THR E 204 -12.39 -26.12 -13.66
N ILE E 205 -11.96 -26.93 -14.65
CA ILE E 205 -12.81 -27.47 -15.75
C ILE E 205 -13.13 -26.34 -16.73
N VAL E 206 -13.82 -25.30 -16.27
CA VAL E 206 -14.22 -24.11 -17.06
C VAL E 206 -13.05 -23.12 -17.05
N GLY E 207 -11.99 -23.45 -17.76
CA GLY E 207 -10.72 -22.71 -17.75
C GLY E 207 -10.41 -22.08 -19.09
N SER E 208 -11.23 -22.30 -20.11
CA SER E 208 -11.04 -21.69 -21.45
C SER E 208 -11.74 -20.33 -21.47
N ILE E 209 -11.01 -19.27 -21.83
CA ILE E 209 -11.51 -17.87 -21.93
C ILE E 209 -11.38 -17.40 -23.39
N GLU E 210 -12.42 -16.75 -23.92
CA GLU E 210 -12.41 -16.11 -25.26
C GLU E 210 -12.79 -14.64 -25.09
N THR E 211 -12.39 -13.82 -26.06
CA THR E 211 -13.00 -12.50 -26.35
C THR E 211 -13.43 -12.48 -27.82
N VAL E 212 -14.43 -11.66 -28.14
CA VAL E 212 -15.04 -11.60 -29.50
C VAL E 212 -14.03 -11.08 -30.52
N TRP E 213 -13.08 -10.26 -30.09
CA TRP E 213 -12.09 -9.57 -30.97
C TRP E 213 -10.81 -10.40 -31.18
N ALA E 214 -10.58 -11.46 -30.38
CA ALA E 214 -9.32 -12.21 -30.40
C ALA E 214 -9.53 -13.72 -30.41
N GLY E 215 -10.76 -14.21 -30.40
CA GLY E 215 -11.05 -15.64 -30.30
C GLY E 215 -10.65 -16.17 -28.94
N THR E 216 -10.17 -17.41 -28.90
CA THR E 216 -9.82 -18.17 -27.67
C THR E 216 -8.45 -17.71 -27.19
N ILE E 217 -8.36 -17.18 -25.96
CA ILE E 217 -7.09 -16.68 -25.36
C ILE E 217 -6.34 -17.87 -24.76
N THR E 218 -7.08 -18.81 -24.16
CA THR E 218 -6.54 -19.99 -23.44
C THR E 218 -7.57 -21.11 -23.52
N PRO E 219 -7.17 -22.37 -23.75
CA PRO E 219 -5.77 -22.72 -24.05
C PRO E 219 -5.32 -22.23 -25.43
N PRO E 220 -4.05 -22.41 -25.82
CA PRO E 220 -3.03 -23.04 -24.98
C PRO E 220 -2.60 -22.17 -23.79
N ARG E 221 -1.89 -22.77 -22.84
CA ARG E 221 -1.38 -22.11 -21.61
C ARG E 221 0.15 -22.03 -21.73
N GLU E 222 0.68 -20.92 -22.22
CA GLU E 222 2.12 -20.76 -22.51
C GLU E 222 2.85 -20.33 -21.23
N GLY E 223 2.12 -20.06 -20.13
CA GLY E 223 2.69 -19.84 -18.79
C GLY E 223 3.31 -18.45 -18.60
N ILE E 224 3.18 -17.56 -19.57
CA ILE E 224 3.73 -16.17 -19.55
C ILE E 224 2.57 -15.18 -19.60
N ILE E 225 2.84 -13.93 -19.23
CA ILE E 225 1.88 -12.80 -19.32
C ILE E 225 1.98 -12.19 -20.73
N LYS E 226 0.84 -12.03 -21.40
CA LYS E 226 0.75 -11.35 -22.71
C LYS E 226 -0.11 -10.10 -22.54
N ARG E 227 0.30 -9.01 -23.19
CA ARG E 227 -0.38 -7.69 -23.20
C ARG E 227 -0.62 -7.33 -24.66
N TRP E 228 -1.85 -6.92 -24.98
CA TRP E 228 -2.23 -6.28 -26.26
C TRP E 228 -2.78 -4.88 -25.96
N THR E 229 -2.52 -3.91 -26.84
CA THR E 229 -3.10 -2.55 -26.76
C THR E 229 -3.82 -2.22 -28.06
N TRP E 230 -4.79 -1.31 -27.95
CA TRP E 230 -5.57 -0.71 -29.05
C TRP E 230 -5.57 0.80 -28.88
N PRO E 231 -5.69 1.56 -29.98
CA PRO E 231 -5.71 3.02 -29.89
C PRO E 231 -7.03 3.55 -29.32
N ALA E 232 -7.06 4.86 -29.02
CA ALA E 232 -8.27 5.64 -28.63
C ALA E 232 -9.31 5.60 -29.76
N GLY E 233 -10.57 5.92 -29.44
CA GLY E 233 -11.74 5.69 -30.32
C GLY E 233 -11.53 6.19 -31.75
N GLU E 234 -11.09 7.45 -31.86
CA GLU E 234 -10.90 8.16 -33.16
C GLU E 234 -9.56 7.73 -33.78
N ASN E 235 -9.50 6.54 -34.35
CA ASN E 235 -8.28 6.03 -35.04
C ASN E 235 -8.63 4.80 -35.89
N ASP E 236 -7.83 4.55 -36.92
CA ASP E 236 -7.90 3.32 -37.74
C ASP E 236 -7.53 2.14 -36.83
N GLY E 237 -8.25 1.03 -36.94
CA GLY E 237 -7.94 -0.24 -36.25
C GLY E 237 -8.23 -0.21 -34.75
N SER E 238 -9.06 0.75 -34.28
CA SER E 238 -9.59 0.77 -32.90
C SER E 238 -10.80 -0.18 -32.82
N VAL E 239 -11.15 -0.62 -31.62
CA VAL E 239 -12.24 -1.62 -31.37
C VAL E 239 -13.25 -0.99 -30.39
N ALA E 240 -14.50 -0.87 -30.82
CA ALA E 240 -15.61 -0.31 -30.02
C ALA E 240 -16.69 -1.38 -29.84
N LEU E 241 -17.22 -1.48 -28.62
CA LEU E 241 -18.35 -2.36 -28.32
C LEU E 241 -19.44 -1.52 -27.65
N LEU E 242 -20.69 -1.97 -27.81
CA LEU E 242 -21.92 -1.26 -27.39
C LEU E 242 -22.48 -1.94 -26.14
N LYS E 243 -23.12 -1.15 -25.26
CA LYS E 243 -23.81 -1.66 -24.04
C LYS E 243 -24.57 -2.93 -24.41
N GLY E 244 -24.39 -4.01 -23.64
CA GLY E 244 -25.10 -5.29 -23.81
C GLY E 244 -24.55 -6.18 -24.92
N GLN E 245 -23.56 -5.73 -25.69
CA GLN E 245 -22.95 -6.58 -26.75
C GLN E 245 -22.06 -7.63 -26.11
N GLU E 246 -22.15 -8.88 -26.57
CA GLU E 246 -21.22 -9.98 -26.15
C GLU E 246 -19.78 -9.53 -26.40
N MET E 247 -18.90 -9.69 -25.41
CA MET E 247 -17.44 -9.33 -25.48
C MET E 247 -16.54 -10.54 -25.26
N GLY E 248 -17.06 -11.64 -24.70
CA GLY E 248 -16.27 -12.83 -24.38
C GLY E 248 -17.12 -13.98 -23.88
N ARG E 249 -16.46 -15.10 -23.50
CA ARG E 249 -17.13 -16.27 -22.91
C ARG E 249 -16.12 -17.17 -22.18
N PHE E 250 -16.66 -18.13 -21.43
CA PHE E 250 -15.94 -19.25 -20.78
C PHE E 250 -16.44 -20.55 -21.40
N LYS E 251 -15.53 -21.50 -21.65
CA LYS E 251 -15.90 -22.89 -22.00
C LYS E 251 -14.97 -23.85 -21.26
N LEU E 252 -15.13 -25.15 -21.49
CA LEU E 252 -14.32 -26.19 -20.81
C LEU E 252 -13.02 -26.40 -21.60
N GLY E 253 -11.91 -26.53 -20.86
CA GLY E 253 -10.58 -26.87 -21.38
C GLY E 253 -9.49 -25.92 -20.87
N THR F 2 -16.25 -16.55 -13.32
CA THR F 2 -16.36 -15.35 -12.53
C THR F 2 -15.99 -14.13 -13.39
N VAL F 3 -16.69 -13.01 -13.18
CA VAL F 3 -16.39 -11.71 -13.85
C VAL F 3 -16.20 -10.63 -12.77
N ILE F 4 -15.17 -9.81 -12.94
CA ILE F 4 -14.89 -8.66 -12.03
C ILE F 4 -14.90 -7.35 -12.81
N ASN F 5 -15.71 -6.40 -12.37
CA ASN F 5 -15.73 -5.04 -12.96
C ASN F 5 -15.04 -4.10 -11.97
N LEU F 6 -14.20 -3.20 -12.49
CA LEU F 6 -13.58 -2.09 -11.74
C LEU F 6 -13.98 -0.79 -12.42
N PHE F 7 -14.45 0.18 -11.62
CA PHE F 7 -14.85 1.53 -12.08
C PHE F 7 -13.98 2.57 -11.37
N ALA F 8 -13.72 3.69 -12.07
CA ALA F 8 -12.92 4.83 -11.56
C ALA F 8 -13.63 5.46 -10.37
N PRO F 9 -12.92 6.10 -9.42
CA PRO F 9 -13.56 6.57 -8.20
C PRO F 9 -14.51 7.73 -8.47
N GLY F 10 -15.65 7.73 -7.78
CA GLY F 10 -16.71 8.75 -7.86
C GLY F 10 -17.34 8.88 -9.24
N LYS F 11 -17.38 7.84 -10.05
CA LYS F 11 -17.93 7.91 -11.45
C LYS F 11 -19.26 7.16 -11.55
N VAL F 12 -19.52 6.23 -10.63
CA VAL F 12 -20.76 5.39 -10.61
C VAL F 12 -21.23 5.18 -9.17
N ASN F 13 -22.54 5.04 -8.98
CA ASN F 13 -23.09 4.44 -7.74
C ASN F 13 -23.79 3.13 -8.10
N LEU F 14 -23.34 2.05 -7.45
CA LEU F 14 -23.96 0.72 -7.54
C LEU F 14 -25.41 0.84 -7.07
N VAL F 15 -26.35 0.23 -7.79
CA VAL F 15 -27.79 0.18 -7.40
C VAL F 15 -27.88 -0.28 -5.94
N GLU F 16 -28.50 0.51 -5.05
CA GLU F 16 -28.48 0.27 -3.57
C GLU F 16 -29.17 -1.07 -3.24
N GLN F 17 -30.15 -1.51 -4.05
CA GLN F 17 -30.89 -2.80 -3.87
C GLN F 17 -29.89 -3.96 -3.83
N LEU F 18 -28.85 -3.94 -4.67
CA LEU F 18 -27.93 -5.10 -4.90
C LEU F 18 -27.07 -5.34 -3.66
N GLU F 19 -26.88 -6.60 -3.31
CA GLU F 19 -26.01 -7.07 -2.20
C GLU F 19 -25.44 -8.45 -2.57
N SER F 20 -24.52 -8.95 -1.77
CA SER F 20 -24.01 -10.34 -1.89
C SER F 20 -25.20 -11.30 -2.06
N LEU F 21 -25.19 -12.07 -3.15
CA LEU F 21 -26.11 -13.20 -3.49
C LEU F 21 -27.26 -12.70 -4.35
N SER F 22 -27.43 -11.38 -4.53
CA SER F 22 -28.45 -10.81 -5.45
C SER F 22 -28.29 -11.46 -6.82
N VAL F 23 -29.38 -11.80 -7.47
CA VAL F 23 -29.35 -12.49 -8.78
C VAL F 23 -28.93 -11.45 -9.83
N THR F 24 -28.11 -11.88 -10.81
CA THR F 24 -27.69 -11.05 -11.97
C THR F 24 -28.27 -11.61 -13.27
N LYS F 25 -28.82 -10.72 -14.09
CA LYS F 25 -29.30 -10.96 -15.47
C LYS F 25 -28.67 -9.85 -16.35
N ILE F 26 -28.08 -10.23 -17.48
CA ILE F 26 -27.55 -9.29 -18.52
C ILE F 26 -28.62 -8.25 -18.79
N GLY F 27 -28.26 -6.98 -18.80
CA GLY F 27 -29.12 -5.85 -19.23
C GLY F 27 -29.84 -5.18 -18.06
N GLN F 28 -29.91 -5.82 -16.90
CA GLN F 28 -30.49 -5.17 -15.70
C GLN F 28 -29.53 -4.04 -15.27
N PRO F 29 -30.00 -3.02 -14.53
CA PRO F 29 -29.12 -2.03 -13.90
C PRO F 29 -28.12 -2.63 -12.89
N LEU F 30 -26.84 -2.26 -13.06
CA LEU F 30 -25.73 -2.60 -12.13
C LEU F 30 -25.32 -1.34 -11.37
N ALA F 31 -25.20 -0.24 -12.09
CA ALA F 31 -24.85 1.06 -11.52
C ALA F 31 -25.37 2.17 -12.41
N VAL F 32 -25.34 3.38 -11.84
CA VAL F 32 -25.89 4.62 -12.44
C VAL F 32 -24.79 5.69 -12.37
N SER F 33 -24.61 6.45 -13.44
CA SER F 33 -23.57 7.50 -13.55
C SER F 33 -23.79 8.54 -12.45
N THR F 34 -22.71 9.06 -11.86
CA THR F 34 -22.76 10.17 -10.86
C THR F 34 -23.01 11.50 -11.60
N GLY F 35 -22.75 11.55 -12.92
CA GLY F 35 -22.93 12.75 -13.78
C GLY F 35 -23.89 12.53 -14.94
N HIS F 36 -24.30 13.65 -15.56
CA HIS F 36 -25.21 13.82 -16.73
C HIS F 36 -24.81 13.00 -17.97
N HIS F 37 -25.72 12.76 -18.95
CA HIS F 37 -25.40 12.37 -20.37
C HIS F 37 -25.16 13.65 -21.21
N HIS F 38 -24.24 13.60 -22.20
CA HIS F 38 -23.87 14.67 -23.19
C HIS F 38 -23.33 15.96 -22.53
N HIS F 39 -22.31 15.85 -21.65
CA HIS F 39 -21.52 16.95 -20.98
C HIS F 39 -22.19 17.34 -19.65
N LEU G 7 12.95 -38.10 -24.06
CA LEU G 7 13.89 -38.40 -22.92
C LEU G 7 13.13 -38.25 -21.58
N SER G 8 13.12 -37.04 -21.01
CA SER G 8 12.61 -36.72 -19.65
C SER G 8 11.29 -35.93 -19.75
N LEU G 9 10.23 -36.44 -19.10
CA LEU G 9 8.95 -35.72 -18.87
C LEU G 9 9.01 -34.98 -17.52
N GLN G 10 9.51 -33.74 -17.59
CA GLN G 10 9.40 -32.66 -16.58
C GLN G 10 7.93 -32.28 -16.35
N TYR G 11 7.03 -32.74 -17.23
CA TYR G 11 5.56 -32.51 -17.21
C TYR G 11 4.85 -33.59 -16.36
N ILE G 12 5.40 -34.82 -16.25
CA ILE G 12 4.82 -35.92 -15.43
C ILE G 12 4.95 -35.56 -13.94
N LEU G 13 6.19 -35.40 -13.44
CA LEU G 13 6.51 -35.14 -12.00
C LEU G 13 5.61 -34.06 -11.42
N PRO G 14 5.22 -34.14 -10.12
CA PRO G 14 4.56 -33.04 -9.42
C PRO G 14 5.61 -32.13 -8.75
N LYS G 15 6.18 -31.24 -9.56
CA LYS G 15 7.44 -30.49 -9.31
C LYS G 15 7.34 -29.69 -8.00
N LEU G 16 6.18 -29.09 -7.69
CA LEU G 16 5.97 -28.31 -6.45
C LEU G 16 6.02 -29.23 -5.24
N TRP G 17 5.24 -30.31 -5.26
CA TRP G 17 5.14 -31.28 -4.14
C TRP G 17 6.54 -31.83 -3.83
N LEU G 18 7.30 -32.22 -4.86
CA LEU G 18 8.72 -32.68 -4.75
C LEU G 18 9.57 -31.62 -4.04
N THR G 19 9.39 -30.37 -4.43
CA THR G 19 10.18 -29.22 -3.95
C THR G 19 9.85 -28.98 -2.47
N ARG G 20 8.56 -29.01 -2.10
CA ARG G 20 8.08 -28.83 -0.70
C ARG G 20 8.69 -29.95 0.17
N LEU G 21 8.72 -31.17 -0.34
CA LEU G 21 9.33 -32.35 0.34
C LEU G 21 10.82 -32.08 0.61
N ALA G 22 11.62 -31.90 -0.45
CA ALA G 22 13.08 -31.62 -0.37
C ALA G 22 13.35 -30.48 0.64
N GLY G 23 12.49 -29.48 0.67
CA GLY G 23 12.59 -28.31 1.58
C GLY G 23 12.33 -28.70 3.03
N TRP G 24 11.36 -29.60 3.27
CA TRP G 24 11.14 -30.21 4.60
C TRP G 24 12.44 -30.90 5.02
N GLY G 25 12.93 -31.82 4.17
CA GLY G 25 14.19 -32.58 4.38
C GLY G 25 15.39 -31.67 4.57
N ALA G 26 15.58 -30.68 3.72
CA ALA G 26 16.80 -29.84 3.68
C ALA G 26 16.89 -28.96 4.95
N SER G 27 15.77 -28.73 5.64
CA SER G 27 15.70 -27.80 6.79
C SER G 27 15.74 -28.56 8.12
N LYS G 28 15.65 -29.91 8.11
CA LYS G 28 15.71 -30.77 9.34
C LYS G 28 17.18 -30.89 9.79
N ARG G 29 17.42 -30.85 11.12
CA ARG G 29 18.76 -30.95 11.78
C ARG G 29 18.96 -32.40 12.26
N ALA G 30 19.50 -33.27 11.41
CA ALA G 30 19.51 -34.76 11.59
C ALA G 30 20.94 -35.30 11.72
N GLY G 31 21.88 -34.49 12.25
CA GLY G 31 23.29 -34.86 12.49
C GLY G 31 23.82 -35.84 11.45
N TRP G 32 23.78 -37.15 11.76
CA TRP G 32 24.44 -38.25 10.99
C TRP G 32 23.83 -38.36 9.58
N LEU G 33 22.51 -38.23 9.47
CA LEU G 33 21.72 -38.44 8.21
C LEU G 33 21.92 -37.22 7.30
N THR G 34 21.99 -36.02 7.90
CA THR G 34 22.36 -34.76 7.21
C THR G 34 23.75 -34.96 6.60
N LYS G 35 24.75 -35.32 7.42
CA LYS G 35 26.15 -35.53 6.98
C LYS G 35 26.15 -36.58 5.85
N LEU G 36 25.34 -37.64 5.96
CA LEU G 36 25.30 -38.74 4.95
C LEU G 36 24.86 -38.15 3.61
N VAL G 37 23.70 -37.49 3.60
CA VAL G 37 23.07 -36.93 2.36
C VAL G 37 23.97 -35.82 1.82
N ILE G 38 24.56 -35.00 2.70
CA ILE G 38 25.54 -33.97 2.25
C ILE G 38 26.68 -34.69 1.51
N ASP G 39 27.23 -35.75 2.12
CA ASP G 39 28.46 -36.44 1.66
C ASP G 39 28.17 -37.13 0.31
N LEU G 40 27.06 -37.84 0.21
CA LEU G 40 26.58 -38.44 -1.07
C LEU G 40 26.49 -37.34 -2.14
N PHE G 41 25.82 -36.23 -1.80
CA PHE G 41 25.68 -35.03 -2.66
C PHE G 41 27.08 -34.55 -3.09
N VAL G 42 27.97 -34.33 -2.12
CA VAL G 42 29.34 -33.81 -2.38
C VAL G 42 30.03 -34.73 -3.39
N LYS G 43 29.87 -36.05 -3.21
CA LYS G 43 30.57 -37.08 -4.02
C LYS G 43 29.94 -37.10 -5.41
N TYR G 44 28.63 -37.28 -5.51
CA TYR G 44 27.91 -37.44 -6.80
C TYR G 44 28.12 -36.18 -7.67
N TYR G 45 28.23 -34.98 -7.07
CA TYR G 45 28.25 -33.69 -7.80
C TYR G 45 29.67 -33.10 -7.91
N LYS G 46 30.68 -33.74 -7.32
CA LYS G 46 32.11 -33.33 -7.44
C LYS G 46 32.31 -31.94 -6.80
N VAL G 47 31.63 -31.68 -5.67
CA VAL G 47 31.71 -30.39 -4.92
C VAL G 47 33.14 -30.19 -4.43
N ASP G 48 33.71 -29.01 -4.61
CA ASP G 48 35.10 -28.64 -4.20
C ASP G 48 35.08 -27.96 -2.83
N MET G 49 34.81 -28.71 -1.75
CA MET G 49 34.75 -28.20 -0.35
C MET G 49 36.07 -27.51 0.05
N LYS G 50 37.13 -27.59 -0.77
CA LYS G 50 38.40 -26.83 -0.54
C LYS G 50 38.05 -25.34 -0.36
N GLU G 51 37.18 -24.81 -1.23
CA GLU G 51 36.84 -23.37 -1.34
C GLU G 51 35.93 -22.92 -0.19
N ALA G 52 35.27 -23.85 0.50
CA ALA G 52 34.32 -23.56 1.60
C ALA G 52 35.05 -22.95 2.79
N GLN G 53 34.39 -22.03 3.49
CA GLN G 53 34.88 -21.41 4.75
C GLN G 53 34.92 -22.45 5.87
N LYS G 54 34.08 -23.49 5.82
CA LYS G 54 34.06 -24.60 6.81
C LYS G 54 34.10 -25.91 6.01
N PRO G 55 35.29 -26.40 5.58
CA PRO G 55 35.37 -27.54 4.66
C PRO G 55 34.89 -28.89 5.25
N ASP G 56 34.87 -29.03 6.59
CA ASP G 56 34.43 -30.29 7.23
C ASP G 56 32.93 -30.43 6.99
N THR G 57 32.52 -31.42 6.18
CA THR G 57 31.10 -31.67 5.82
C THR G 57 30.28 -31.90 7.09
N ALA G 58 30.95 -32.11 8.22
CA ALA G 58 30.31 -32.35 9.54
C ALA G 58 29.93 -31.02 10.21
N SER G 59 30.40 -29.88 9.67
CA SER G 59 30.26 -28.53 10.28
C SER G 59 28.86 -27.93 10.08
N TYR G 60 27.96 -28.62 9.34
CA TYR G 60 26.69 -28.05 8.80
C TYR G 60 25.48 -28.69 9.50
N ARG G 61 24.73 -27.89 10.26
CA ARG G 61 23.60 -28.32 11.13
C ARG G 61 22.46 -28.92 10.27
N THR G 62 22.12 -28.31 9.13
CA THR G 62 21.05 -28.78 8.17
C THR G 62 21.61 -28.85 6.75
N PHE G 63 21.00 -29.63 5.85
CA PHE G 63 21.45 -29.70 4.42
C PHE G 63 21.51 -28.28 3.84
N ASN G 64 20.43 -27.49 4.02
CA ASN G 64 20.31 -26.10 3.48
C ASN G 64 21.50 -25.25 3.93
N GLU G 65 21.92 -25.36 5.19
CA GLU G 65 23.10 -24.62 5.75
C GLU G 65 24.31 -24.90 4.84
N PHE G 66 24.46 -26.16 4.40
CA PHE G 66 25.54 -26.63 3.48
C PHE G 66 25.34 -26.01 2.09
N PHE G 67 24.12 -26.13 1.56
CA PHE G 67 23.77 -25.68 0.17
C PHE G 67 24.15 -24.20 0.02
N VAL G 68 23.85 -23.44 1.07
CA VAL G 68 24.01 -21.96 1.12
C VAL G 68 25.38 -21.61 1.73
N ARG G 69 26.33 -22.56 1.74
CA ARG G 69 27.64 -22.42 2.44
C ARG G 69 28.36 -21.17 1.94
N PRO G 70 29.06 -20.43 2.84
CA PRO G 70 29.97 -19.36 2.42
C PRO G 70 31.26 -19.91 1.82
N LEU G 71 31.95 -19.10 1.02
CA LEU G 71 33.31 -19.42 0.48
C LEU G 71 34.39 -18.66 1.28
N ARG G 72 35.65 -19.10 1.15
CA ARG G 72 36.80 -18.42 1.77
C ARG G 72 37.00 -17.08 1.03
N ASP G 73 36.99 -15.97 1.76
CA ASP G 73 36.90 -14.61 1.17
C ASP G 73 37.84 -14.52 -0.03
N GLU G 74 39.08 -14.97 0.15
CA GLU G 74 40.24 -14.71 -0.76
C GLU G 74 40.10 -15.47 -2.08
N VAL G 75 39.27 -16.52 -2.17
CA VAL G 75 39.23 -17.38 -3.40
C VAL G 75 38.24 -16.80 -4.43
N ARG G 76 37.56 -15.70 -4.11
CA ARG G 76 36.72 -14.92 -5.08
C ARG G 76 37.20 -13.48 -5.14
N PRO G 77 38.36 -13.25 -5.79
CA PRO G 77 38.87 -11.89 -5.96
C PRO G 77 37.90 -11.08 -6.84
N ILE G 78 37.54 -9.88 -6.36
CA ILE G 78 36.64 -8.91 -7.06
C ILE G 78 37.51 -7.92 -7.83
N ASP G 79 37.54 -7.99 -9.17
CA ASP G 79 38.25 -7.01 -10.04
C ASP G 79 37.86 -5.60 -9.58
N THR G 80 38.86 -4.79 -9.24
CA THR G 80 38.78 -3.45 -8.60
C THR G 80 38.60 -2.31 -9.62
N ASP G 81 38.88 -2.60 -10.90
CA ASP G 81 38.74 -1.64 -12.03
C ASP G 81 37.29 -1.15 -12.06
N PRO G 82 37.00 0.13 -11.73
CA PRO G 82 35.61 0.60 -11.58
C PRO G 82 34.82 0.72 -12.89
N ASN G 83 35.50 0.51 -14.02
CA ASN G 83 34.88 0.39 -15.37
C ASN G 83 34.45 -1.05 -15.63
N VAL G 84 34.85 -1.99 -14.78
CA VAL G 84 34.55 -3.45 -14.97
C VAL G 84 33.36 -3.84 -14.09
N LEU G 85 32.31 -4.32 -14.74
CA LEU G 85 31.19 -5.03 -14.14
C LEU G 85 31.60 -6.51 -14.08
N VAL G 86 31.54 -7.08 -12.89
CA VAL G 86 32.04 -8.44 -12.57
C VAL G 86 30.88 -9.44 -12.62
N MET G 87 31.22 -10.73 -12.67
CA MET G 87 30.25 -11.85 -12.69
C MET G 87 29.57 -11.94 -11.33
N PRO G 88 28.23 -12.17 -11.29
CA PRO G 88 27.50 -12.22 -10.03
C PRO G 88 27.32 -13.62 -9.44
N ALA G 89 27.61 -14.68 -10.20
CA ALA G 89 27.40 -16.07 -9.75
C ALA G 89 28.40 -17.05 -10.37
N ASP G 90 28.85 -18.00 -9.53
CA ASP G 90 29.62 -19.21 -9.92
C ASP G 90 28.71 -20.11 -10.73
N GLY G 91 29.24 -20.72 -11.79
CA GLY G 91 28.53 -21.64 -12.71
C GLY G 91 29.12 -21.53 -14.09
N VAL G 92 28.28 -21.54 -15.13
CA VAL G 92 28.72 -21.32 -16.55
C VAL G 92 27.71 -20.41 -17.27
N ILE G 93 28.15 -19.70 -18.29
CA ILE G 93 27.25 -18.87 -19.16
C ILE G 93 26.28 -19.84 -19.83
N SER G 94 24.97 -19.57 -19.73
CA SER G 94 23.89 -20.26 -20.51
C SER G 94 23.87 -19.67 -21.92
N GLN G 95 23.60 -18.36 -22.01
CA GLN G 95 23.69 -17.55 -23.25
C GLN G 95 23.94 -16.10 -22.86
N LEU G 96 24.41 -15.28 -23.80
CA LEU G 96 24.57 -13.82 -23.56
C LEU G 96 24.76 -13.10 -24.90
N GLY G 97 24.61 -11.78 -24.88
CA GLY G 97 24.69 -10.94 -26.09
C GLY G 97 23.66 -9.83 -26.09
N LYS G 98 23.46 -9.24 -27.27
CA LYS G 98 22.51 -8.12 -27.49
C LYS G 98 21.09 -8.69 -27.35
N ILE G 99 20.21 -7.92 -26.74
CA ILE G 99 18.73 -8.12 -26.76
C ILE G 99 18.23 -7.60 -28.11
N GLU G 100 17.86 -8.49 -29.03
CA GLU G 100 17.42 -8.11 -30.40
C GLU G 100 16.00 -7.53 -30.29
N GLU G 101 15.90 -6.23 -30.03
CA GLU G 101 14.65 -5.51 -29.70
C GLU G 101 14.12 -6.03 -28.35
N ASP G 102 13.13 -6.93 -28.35
CA ASP G 102 12.47 -7.51 -27.15
C ASP G 102 12.93 -8.97 -27.02
N LYS G 103 13.66 -9.50 -28.02
CA LYS G 103 13.96 -10.94 -28.20
C LYS G 103 15.26 -11.27 -27.45
N ILE G 104 15.21 -12.29 -26.57
CA ILE G 104 16.36 -12.83 -25.77
C ILE G 104 16.53 -14.30 -26.15
N LEU G 105 17.78 -14.73 -26.35
CA LEU G 105 18.12 -16.12 -26.71
C LEU G 105 18.11 -16.97 -25.43
N GLN G 106 17.36 -18.08 -25.44
CA GLN G 106 17.28 -19.07 -24.33
C GLN G 106 18.18 -20.24 -24.69
N ALA G 107 18.00 -20.79 -25.89
CA ALA G 107 18.81 -21.86 -26.50
C ALA G 107 18.69 -21.74 -28.02
N LYS G 108 19.38 -22.60 -28.79
CA LYS G 108 19.30 -22.62 -30.29
C LYS G 108 17.83 -22.76 -30.69
N GLY G 109 17.28 -21.78 -31.43
CA GLY G 109 15.90 -21.80 -31.96
C GLY G 109 14.82 -21.71 -30.88
N HIS G 110 15.10 -21.00 -29.79
CA HIS G 110 14.21 -20.80 -28.62
C HIS G 110 14.46 -19.40 -28.05
N ASN G 111 13.61 -18.44 -28.41
CA ASN G 111 13.73 -17.02 -27.98
C ASN G 111 12.66 -16.78 -26.93
N TYR G 112 12.74 -15.66 -26.20
CA TYR G 112 11.67 -15.26 -25.26
C TYR G 112 11.59 -13.74 -25.16
N SER G 113 10.38 -13.23 -24.96
CA SER G 113 10.07 -11.80 -24.80
C SER G 113 10.72 -11.25 -23.52
N LEU G 114 11.38 -10.10 -23.66
CA LEU G 114 11.88 -9.29 -22.52
C LEU G 114 10.71 -8.91 -21.60
N GLU G 115 9.58 -8.54 -22.18
CA GLU G 115 8.33 -8.19 -21.45
C GLU G 115 7.85 -9.41 -20.67
N ALA G 116 7.88 -10.59 -21.26
CA ALA G 116 7.47 -11.86 -20.63
C ALA G 116 8.32 -12.09 -19.37
N LEU G 117 9.64 -12.02 -19.55
CA LEU G 117 10.62 -12.21 -18.44
C LEU G 117 10.26 -11.25 -17.30
N LEU G 118 9.84 -10.04 -17.64
CA LEU G 118 9.55 -8.99 -16.64
C LEU G 118 8.05 -8.96 -16.30
N ALA G 119 7.36 -10.09 -16.50
CA ALA G 119 5.99 -10.34 -16.00
C ALA G 119 5.07 -9.18 -16.43
N GLY G 120 5.23 -8.75 -17.68
CA GLY G 120 4.31 -7.84 -18.38
C GLY G 120 4.58 -6.41 -18.04
N ASN G 121 5.69 -6.13 -17.34
CA ASN G 121 6.15 -4.79 -16.94
C ASN G 121 6.78 -4.06 -18.14
N TYR G 122 5.95 -3.46 -19.00
CA TYR G 122 6.35 -2.80 -20.27
C TYR G 122 7.29 -1.62 -19.98
N LEU G 123 7.13 -0.91 -18.84
CA LEU G 123 7.99 0.25 -18.47
C LEU G 123 9.42 -0.25 -18.24
N MET G 124 9.58 -1.29 -17.41
CA MET G 124 10.91 -1.86 -17.11
C MET G 124 11.51 -2.39 -18.41
N ALA G 125 10.76 -3.15 -19.20
CA ALA G 125 11.24 -3.73 -20.48
C ALA G 125 11.83 -2.64 -21.37
N ASP G 126 11.23 -1.45 -21.37
CA ASP G 126 11.67 -0.35 -22.27
C ASP G 126 13.11 0.05 -21.91
N LEU G 127 13.45 0.01 -20.62
CA LEU G 127 14.82 0.34 -20.13
C LEU G 127 15.85 -0.52 -20.86
N PHE G 128 15.48 -1.73 -21.30
CA PHE G 128 16.45 -2.78 -21.72
C PHE G 128 16.26 -3.17 -23.19
N ARG G 129 15.28 -2.59 -23.89
CA ARG G 129 15.10 -2.82 -25.35
C ARG G 129 16.44 -2.52 -26.00
N ASN G 130 16.95 -3.46 -26.81
CA ASN G 130 18.22 -3.36 -27.58
C ASN G 130 19.44 -3.32 -26.66
N GLY G 131 19.26 -3.64 -25.39
CA GLY G 131 20.37 -3.70 -24.41
C GLY G 131 21.10 -5.02 -24.46
N THR G 132 21.72 -5.38 -23.35
CA THR G 132 22.63 -6.53 -23.20
C THR G 132 22.04 -7.46 -22.14
N PHE G 133 22.16 -8.77 -22.33
CA PHE G 133 21.74 -9.78 -21.30
C PHE G 133 22.83 -10.82 -21.08
N VAL G 134 22.86 -11.34 -19.86
CA VAL G 134 23.70 -12.50 -19.45
C VAL G 134 22.84 -13.41 -18.60
N THR G 135 22.77 -14.67 -18.98
CA THR G 135 22.04 -15.73 -18.25
C THR G 135 23.08 -16.70 -17.71
N THR G 136 23.28 -16.72 -16.39
CA THR G 136 24.28 -17.58 -15.69
C THR G 136 23.53 -18.79 -15.12
N TYR G 137 24.06 -20.00 -15.31
CA TYR G 137 23.49 -21.29 -14.80
C TYR G 137 24.31 -21.76 -13.61
N LEU G 138 23.69 -21.85 -12.44
CA LEU G 138 24.28 -22.42 -11.20
C LEU G 138 23.85 -23.88 -11.11
N SER G 139 24.81 -24.82 -11.16
CA SER G 139 24.57 -26.27 -10.96
C SER G 139 24.66 -26.56 -9.46
N PRO G 140 24.10 -27.69 -9.00
CA PRO G 140 24.12 -28.03 -7.57
C PRO G 140 25.54 -28.00 -6.96
N ARG G 141 26.52 -28.38 -7.79
CA ARG G 141 27.99 -28.30 -7.52
C ARG G 141 28.35 -26.93 -6.95
N ASP G 142 27.85 -25.86 -7.58
CA ASP G 142 28.34 -24.48 -7.42
C ASP G 142 27.83 -23.86 -6.10
N TYR G 143 28.57 -22.87 -5.61
CA TYR G 143 28.17 -21.91 -4.56
C TYR G 143 26.86 -21.26 -5.00
N HIS G 144 25.86 -21.23 -4.12
CA HIS G 144 24.46 -20.85 -4.48
C HIS G 144 24.07 -19.49 -3.87
N ARG G 145 25.03 -18.59 -3.63
CA ARG G 145 24.71 -17.17 -3.36
C ARG G 145 25.06 -16.34 -4.58
N VAL G 146 24.44 -15.16 -4.70
CA VAL G 146 24.56 -14.24 -5.86
C VAL G 146 25.08 -12.90 -5.35
N HIS G 147 26.11 -12.37 -6.01
CA HIS G 147 26.83 -11.13 -5.64
C HIS G 147 26.57 -10.07 -6.70
N MET G 148 26.74 -8.81 -6.34
CA MET G 148 26.51 -7.65 -7.24
C MET G 148 27.61 -7.59 -8.29
N PRO G 149 27.25 -7.32 -9.56
CA PRO G 149 28.23 -7.15 -10.63
C PRO G 149 28.91 -5.78 -10.60
N CYS G 150 28.28 -4.82 -9.93
CA CYS G 150 28.79 -3.44 -9.72
C CYS G 150 28.03 -2.78 -8.56
N ASN G 151 28.50 -1.62 -8.11
CA ASN G 151 27.71 -0.80 -7.14
C ASN G 151 26.30 -0.63 -7.71
N GLY G 152 25.28 -0.57 -6.85
CA GLY G 152 23.92 -0.24 -7.27
C GLY G 152 23.03 0.26 -6.14
N ILE G 153 22.11 1.16 -6.47
CA ILE G 153 20.97 1.52 -5.58
C ILE G 153 19.78 0.64 -5.99
N LEU G 154 19.27 -0.17 -5.07
CA LEU G 154 18.04 -0.97 -5.26
C LEU G 154 16.85 -0.03 -5.36
N ARG G 155 16.09 -0.15 -6.45
CA ARG G 155 14.91 0.71 -6.73
C ARG G 155 13.62 -0.12 -6.71
N GLU G 156 13.65 -1.34 -7.24
CA GLU G 156 12.42 -2.13 -7.54
C GLU G 156 12.77 -3.59 -7.31
N MET G 157 11.89 -4.35 -6.67
CA MET G 157 11.92 -5.81 -6.63
C MET G 157 10.51 -6.32 -6.96
N ILE G 158 10.41 -7.25 -7.90
CA ILE G 158 9.12 -7.87 -8.31
C ILE G 158 9.26 -9.37 -8.09
N TYR G 159 8.41 -9.96 -7.25
CA TYR G 159 8.25 -11.44 -7.14
C TYR G 159 7.24 -11.90 -8.18
N VAL G 160 7.57 -12.95 -8.93
CA VAL G 160 6.75 -13.48 -10.04
C VAL G 160 6.45 -14.94 -9.72
N PRO G 161 5.18 -15.32 -9.46
CA PRO G 161 4.83 -16.73 -9.31
C PRO G 161 5.07 -17.44 -10.64
N GLY G 162 5.26 -18.76 -10.59
CA GLY G 162 5.48 -19.55 -11.81
C GLY G 162 5.70 -21.03 -11.54
N ASP G 163 6.08 -21.76 -12.60
CA ASP G 163 6.38 -23.22 -12.58
C ASP G 163 7.75 -23.39 -11.89
N LEU G 164 8.14 -24.63 -11.58
CA LEU G 164 9.48 -24.98 -11.04
C LEU G 164 10.10 -26.05 -11.95
N PHE G 165 10.16 -25.78 -13.27
CA PHE G 165 10.90 -26.62 -14.23
C PHE G 165 12.36 -26.71 -13.76
N SER G 166 13.08 -27.73 -14.21
CA SER G 166 14.56 -27.74 -14.15
C SER G 166 15.05 -26.61 -15.06
N VAL G 167 16.25 -26.10 -14.81
CA VAL G 167 16.85 -25.00 -15.63
C VAL G 167 18.21 -25.46 -16.18
N ASN G 168 18.52 -26.76 -16.13
CA ASN G 168 19.74 -27.33 -16.75
C ASN G 168 19.68 -27.09 -18.27
N HIS G 169 20.78 -27.34 -18.98
CA HIS G 169 20.90 -27.07 -20.44
C HIS G 169 19.89 -27.93 -21.21
N LEU G 170 19.67 -29.20 -20.83
CA LEU G 170 18.68 -30.08 -21.53
C LEU G 170 17.33 -29.36 -21.54
N THR G 171 16.84 -28.93 -20.36
CA THR G 171 15.52 -28.26 -20.20
C THR G 171 15.49 -26.94 -20.99
N ALA G 172 16.54 -26.13 -20.86
CA ALA G 172 16.70 -24.84 -21.57
C ALA G 172 16.42 -25.04 -23.06
N GLN G 173 16.89 -26.15 -23.62
CA GLN G 173 16.88 -26.44 -25.08
C GLN G 173 15.50 -26.90 -25.55
N ASN G 174 14.56 -27.13 -24.63
CA ASN G 174 13.33 -27.93 -24.94
C ASN G 174 12.05 -27.30 -24.37
N VAL G 175 12.06 -26.68 -23.20
CA VAL G 175 10.86 -26.00 -22.64
C VAL G 175 10.84 -24.54 -23.11
N PRO G 176 9.83 -24.12 -23.91
CA PRO G 176 9.72 -22.72 -24.32
C PRO G 176 9.41 -21.78 -23.14
N ASN G 177 9.99 -20.58 -23.20
CA ASN G 177 9.76 -19.44 -22.28
C ASN G 177 10.09 -19.88 -20.85
N LEU G 178 11.09 -20.75 -20.68
CA LEU G 178 11.42 -21.44 -19.41
C LEU G 178 11.60 -20.41 -18.29
N PHE G 179 12.39 -19.37 -18.56
CA PHE G 179 12.81 -18.35 -17.56
C PHE G 179 11.70 -17.33 -17.36
N ALA G 180 10.80 -17.21 -18.34
CA ALA G 180 9.62 -16.30 -18.29
C ALA G 180 8.47 -16.96 -17.55
N ARG G 181 8.52 -18.27 -17.32
CA ARG G 181 7.38 -18.98 -16.68
C ARG G 181 7.77 -19.58 -15.33
N ASN G 182 9.07 -19.83 -15.08
CA ASN G 182 9.54 -20.35 -13.77
C ASN G 182 9.51 -19.21 -12.75
N GLU G 183 9.13 -19.54 -11.51
CA GLU G 183 9.11 -18.61 -10.34
C GLU G 183 10.44 -17.86 -10.27
N ARG G 184 10.41 -16.56 -10.03
CA ARG G 184 11.66 -15.74 -10.00
C ARG G 184 11.42 -14.45 -9.22
N VAL G 185 12.53 -13.81 -8.85
CA VAL G 185 12.59 -12.44 -8.25
C VAL G 185 13.44 -11.54 -9.15
N ILE G 186 12.81 -10.47 -9.66
CA ILE G 186 13.42 -9.39 -10.47
C ILE G 186 13.87 -8.25 -9.54
N CYS G 187 15.16 -7.93 -9.56
CA CYS G 187 15.77 -6.79 -8.83
C CYS G 187 16.27 -5.77 -9.85
N LEU G 188 15.71 -4.55 -9.81
CA LEU G 188 16.16 -3.38 -10.62
C LEU G 188 16.99 -2.44 -9.74
N PHE G 189 18.19 -2.06 -10.22
CA PHE G 189 19.09 -1.11 -9.56
C PHE G 189 19.40 0.08 -10.48
N ASP G 190 19.61 1.26 -9.89
CA ASP G 190 20.33 2.38 -10.55
C ASP G 190 21.82 2.11 -10.38
N THR G 191 22.59 2.27 -11.46
CA THR G 191 24.07 2.16 -11.43
C THR G 191 24.70 3.29 -12.27
N GLU G 192 26.02 3.45 -12.17
CA GLU G 192 26.79 4.38 -13.03
C GLU G 192 26.72 3.91 -14.49
N PHE G 193 26.17 2.71 -14.76
CA PHE G 193 26.06 2.11 -16.12
C PHE G 193 24.59 2.07 -16.56
N GLY G 194 23.79 2.93 -15.93
CA GLY G 194 22.35 3.05 -16.19
C GLY G 194 21.58 2.04 -15.36
N PRO G 195 20.31 1.78 -15.71
CA PRO G 195 19.53 0.79 -14.98
C PRO G 195 20.12 -0.58 -15.28
N MET G 196 20.07 -1.43 -14.27
CA MET G 196 20.63 -2.80 -14.29
C MET G 196 19.63 -3.72 -13.59
N ALA G 197 19.27 -4.81 -14.26
CA ALA G 197 18.36 -5.85 -13.72
C ALA G 197 19.21 -7.08 -13.36
N GLN G 198 18.97 -7.62 -12.16
CA GLN G 198 19.53 -8.92 -11.74
C GLN G 198 18.36 -9.76 -11.24
N ILE G 199 18.11 -10.86 -11.96
CA ILE G 199 16.92 -11.73 -11.78
C ILE G 199 17.35 -13.11 -11.28
N LEU G 200 16.83 -13.51 -10.12
CA LEU G 200 17.07 -14.84 -9.50
C LEU G 200 15.92 -15.77 -9.90
N VAL G 201 16.16 -16.73 -10.79
CA VAL G 201 15.12 -17.68 -11.27
C VAL G 201 15.30 -19.01 -10.54
N GLY G 202 14.26 -19.46 -9.84
CA GLY G 202 14.25 -20.76 -9.15
C GLY G 202 14.19 -21.93 -10.12
N ALA G 203 14.36 -23.14 -9.61
CA ALA G 203 14.21 -24.40 -10.35
C ALA G 203 13.57 -25.44 -9.43
N THR G 204 13.26 -26.62 -9.96
CA THR G 204 12.76 -27.79 -9.17
C THR G 204 13.70 -28.04 -7.99
N ILE G 205 13.14 -28.34 -6.82
CA ILE G 205 13.90 -28.63 -5.55
C ILE G 205 14.47 -27.31 -5.02
N VAL G 206 15.37 -26.69 -5.78
CA VAL G 206 16.06 -25.44 -5.37
C VAL G 206 15.20 -24.27 -5.87
N GLY G 207 14.09 -24.04 -5.16
CA GLY G 207 13.06 -23.06 -5.54
C GLY G 207 12.94 -21.93 -4.53
N SER G 208 13.71 -21.95 -3.45
CA SER G 208 13.66 -20.90 -2.40
C SER G 208 14.63 -19.79 -2.78
N ILE G 209 14.14 -18.54 -2.85
CA ILE G 209 14.95 -17.33 -3.21
C ILE G 209 14.97 -16.37 -2.01
N GLU G 210 16.14 -15.83 -1.70
CA GLU G 210 16.32 -14.78 -0.67
C GLU G 210 17.05 -13.61 -1.32
N THR G 211 16.88 -12.43 -0.72
CA THR G 211 17.75 -11.24 -0.90
C THR G 211 18.22 -10.79 0.47
N VAL G 212 19.38 -10.15 0.52
CA VAL G 212 20.06 -9.73 1.78
C VAL G 212 19.21 -8.68 2.52
N TRP G 213 18.42 -7.89 1.79
CA TRP G 213 17.62 -6.76 2.33
C TRP G 213 16.23 -7.18 2.80
N ALA G 214 15.75 -8.37 2.44
CA ALA G 214 14.34 -8.76 2.67
C ALA G 214 14.22 -10.19 3.21
N GLY G 215 15.32 -10.90 3.40
CA GLY G 215 15.30 -12.32 3.80
C GLY G 215 14.72 -13.17 2.70
N THR G 216 13.96 -14.21 3.08
CA THR G 216 13.42 -15.24 2.17
C THR G 216 12.17 -14.69 1.50
N ILE G 217 12.15 -14.63 0.16
CA ILE G 217 10.98 -14.13 -0.63
C ILE G 217 9.98 -15.29 -0.82
N THR G 218 10.49 -16.49 -1.03
CA THR G 218 9.68 -17.71 -1.32
C THR G 218 10.45 -18.92 -0.82
N PRO G 219 9.78 -19.92 -0.21
CA PRO G 219 8.37 -19.84 0.14
C PRO G 219 8.10 -18.85 1.27
N PRO G 220 6.84 -18.61 1.69
CA PRO G 220 5.67 -19.24 1.09
C PRO G 220 5.39 -18.75 -0.35
N ARG G 221 4.53 -19.48 -1.06
CA ARG G 221 4.15 -19.22 -2.47
C ARG G 221 2.68 -18.80 -2.50
N GLU G 222 2.42 -17.50 -2.42
CA GLU G 222 1.04 -16.97 -2.26
C GLU G 222 0.38 -16.83 -3.63
N GLY G 223 1.10 -17.12 -4.72
CA GLY G 223 0.56 -17.27 -6.10
C GLY G 223 0.23 -15.94 -6.78
N ILE G 224 0.59 -14.80 -6.17
CA ILE G 224 0.33 -13.44 -6.72
C ILE G 224 1.66 -12.75 -7.01
N ILE G 225 1.63 -11.70 -7.82
CA ILE G 225 2.80 -10.84 -8.15
C ILE G 225 2.86 -9.73 -7.10
N LYS G 226 4.02 -9.55 -6.47
CA LYS G 226 4.26 -8.53 -5.42
C LYS G 226 5.38 -7.62 -5.92
N ARG G 227 5.24 -6.32 -5.68
CA ARG G 227 6.19 -5.27 -6.08
C ARG G 227 6.58 -4.49 -4.82
N TRP G 228 7.87 -4.27 -4.61
CA TRP G 228 8.44 -3.33 -3.60
C TRP G 228 9.29 -2.28 -4.33
N THR G 229 9.28 -1.05 -3.83
CA THR G 229 10.12 0.05 -4.34
C THR G 229 10.95 0.64 -3.21
N TRP G 230 12.08 1.22 -3.58
CA TRP G 230 13.02 1.98 -2.72
C TRP G 230 13.34 3.30 -3.42
N PRO G 231 13.65 4.35 -2.65
CA PRO G 231 13.97 5.66 -3.23
C PRO G 231 15.36 5.66 -3.91
N ALA G 232 15.65 6.75 -4.62
CA ALA G 232 16.96 7.10 -5.22
C ALA G 232 18.02 7.26 -4.11
N GLY G 233 19.29 7.21 -4.51
CA GLY G 233 20.44 6.98 -3.60
C GLY G 233 20.44 7.90 -2.40
N GLU G 234 20.25 9.20 -2.62
CA GLU G 234 20.34 10.25 -1.56
C GLU G 234 19.03 10.29 -0.77
N ASN G 235 18.77 9.30 0.09
CA ASN G 235 17.53 9.17 0.89
C ASN G 235 17.71 7.99 1.86
N GLY G 237 16.77 5.20 4.44
CA GLY G 237 15.59 4.56 3.81
C GLY G 237 15.93 3.86 2.51
N SER G 238 16.93 4.36 1.77
CA SER G 238 17.39 3.77 0.49
C SER G 238 18.35 2.61 0.78
N VAL G 239 18.55 1.72 -0.20
CA VAL G 239 19.36 0.47 -0.05
C VAL G 239 20.44 0.48 -1.11
N ALA G 240 21.71 0.43 -0.71
CA ALA G 240 22.89 0.53 -1.60
C ALA G 240 23.77 -0.70 -1.39
N LEU G 241 24.24 -1.28 -2.48
CA LEU G 241 25.12 -2.47 -2.46
C LEU G 241 26.34 -2.16 -3.33
N LEU G 242 27.47 -2.80 -2.98
CA LEU G 242 28.80 -2.54 -3.56
C LEU G 242 29.17 -3.69 -4.49
N LYS G 243 29.93 -3.39 -5.56
CA LYS G 243 30.43 -4.42 -6.51
C LYS G 243 30.93 -5.62 -5.70
N GLY G 244 30.51 -6.83 -6.04
CA GLY G 244 31.01 -8.08 -5.41
C GLY G 244 30.33 -8.40 -4.07
N GLN G 245 29.49 -7.52 -3.54
CA GLN G 245 28.78 -7.78 -2.27
C GLN G 245 27.62 -8.76 -2.51
N GLU G 246 27.48 -9.77 -1.65
CA GLU G 246 26.34 -10.71 -1.66
C GLU G 246 25.03 -9.91 -1.64
N MET G 247 24.08 -10.25 -2.52
CA MET G 247 22.75 -9.60 -2.66
C MET G 247 21.61 -10.60 -2.47
N GLY G 248 21.87 -11.90 -2.56
CA GLY G 248 20.81 -12.92 -2.47
C GLY G 248 21.37 -14.33 -2.58
N ARG G 249 20.47 -15.33 -2.59
CA ARG G 249 20.85 -16.76 -2.61
C ARG G 249 19.62 -17.61 -2.99
N PHE G 250 19.91 -18.86 -3.32
CA PHE G 250 18.94 -19.96 -3.58
C PHE G 250 19.15 -21.04 -2.51
N LYS G 251 18.06 -21.62 -2.00
CA LYS G 251 18.12 -22.84 -1.17
C LYS G 251 16.98 -23.77 -1.57
N LEU G 252 16.86 -24.91 -0.88
CA LEU G 252 15.85 -25.94 -1.20
C LEU G 252 14.55 -25.59 -0.46
N GLY G 253 13.41 -25.74 -1.16
CA GLY G 253 12.06 -25.65 -0.59
C GLY G 253 11.13 -24.82 -1.44
N THR H 2 19.39 -20.16 -11.57
CA THR H 2 19.70 -19.38 -12.77
C THR H 2 19.63 -17.87 -12.43
N VAL H 3 20.56 -17.08 -12.97
CA VAL H 3 20.59 -15.61 -12.81
C VAL H 3 20.64 -14.96 -14.18
N ILE H 4 19.83 -13.92 -14.36
CA ILE H 4 19.78 -13.15 -15.64
C ILE H 4 20.08 -11.69 -15.34
N ASN H 5 21.04 -11.12 -16.05
CA ASN H 5 21.40 -9.70 -15.97
C ASN H 5 20.86 -9.01 -17.22
N LEU H 6 20.29 -7.83 -17.01
CA LEU H 6 19.90 -6.89 -18.09
C LEU H 6 20.65 -5.60 -17.81
N PHE H 7 21.30 -5.07 -18.84
CA PHE H 7 21.99 -3.77 -18.85
C PHE H 7 21.37 -2.91 -19.94
N ALA H 8 21.33 -1.59 -19.73
CA ALA H 8 20.71 -0.62 -20.65
C ALA H 8 21.52 -0.56 -21.94
N PRO H 9 20.90 -0.25 -23.10
CA PRO H 9 21.62 -0.26 -24.37
C PRO H 9 22.66 0.85 -24.42
N GLY H 10 23.81 0.57 -25.02
CA GLY H 10 24.91 1.54 -25.22
C GLY H 10 25.55 2.00 -23.92
N LYS H 11 25.49 1.20 -22.85
CA LYS H 11 26.08 1.52 -21.53
C LYS H 11 27.19 0.51 -21.24
N VAL H 12 27.16 -0.70 -21.81
CA VAL H 12 28.11 -1.80 -21.45
C VAL H 12 28.49 -2.63 -22.68
N ASN H 13 29.70 -3.17 -22.70
CA ASN H 13 30.09 -4.26 -23.63
C ASN H 13 30.53 -5.48 -22.82
N LEU H 14 29.95 -6.62 -23.13
CA LEU H 14 30.35 -7.95 -22.60
C LEU H 14 31.80 -8.21 -23.03
N VAL H 15 32.65 -8.71 -22.13
CA VAL H 15 34.03 -9.14 -22.47
C VAL H 15 33.92 -10.18 -23.59
N GLU H 16 34.59 -9.93 -24.74
CA GLU H 16 34.39 -10.67 -26.01
C GLU H 16 34.75 -12.16 -25.85
N GLN H 17 35.68 -12.50 -24.94
CA GLN H 17 36.12 -13.89 -24.63
C GLN H 17 34.90 -14.75 -24.26
N LEU H 18 33.98 -14.22 -23.47
CA LEU H 18 32.84 -15.01 -22.88
C LEU H 18 31.85 -15.46 -23.95
N GLU H 19 31.38 -16.70 -23.86
CA GLU H 19 30.34 -17.31 -24.73
C GLU H 19 29.60 -18.39 -23.93
N SER H 20 28.52 -18.93 -24.50
CA SER H 20 27.79 -20.09 -23.93
C SER H 20 28.80 -21.15 -23.50
N LEU H 21 28.76 -21.53 -22.22
CA LEU H 21 29.50 -22.65 -21.56
C LEU H 21 30.84 -22.18 -20.99
N SER H 22 31.27 -20.95 -21.26
CA SER H 22 32.39 -20.29 -20.53
C SER H 22 32.12 -20.39 -19.03
N VAL H 23 33.14 -20.72 -18.24
CA VAL H 23 32.94 -20.90 -16.79
C VAL H 23 32.86 -19.51 -16.16
N THR H 24 32.00 -19.34 -15.15
CA THR H 24 31.83 -18.06 -14.39
C THR H 24 32.28 -18.23 -12.94
N LYS H 25 33.04 -17.27 -12.42
CA LYS H 25 33.49 -17.19 -10.99
C LYS H 25 33.23 -15.76 -10.52
N ILE H 26 32.54 -15.57 -9.39
CA ILE H 26 32.24 -14.24 -8.80
C ILE H 26 33.53 -13.41 -8.80
N GLY H 27 33.46 -12.18 -9.27
CA GLY H 27 34.55 -11.19 -9.18
C GLY H 27 35.37 -11.12 -10.46
N GLN H 28 35.37 -12.17 -11.29
CA GLN H 28 36.05 -12.13 -12.61
C GLN H 28 35.29 -11.14 -13.50
N PRO H 29 35.94 -10.50 -14.49
CA PRO H 29 35.27 -9.54 -15.36
C PRO H 29 34.16 -10.14 -16.25
N LEU H 30 33.00 -9.49 -16.26
CA LEU H 30 31.79 -9.85 -17.06
C LEU H 30 31.62 -8.88 -18.24
N ALA H 31 31.80 -7.60 -17.98
CA ALA H 31 31.52 -6.53 -18.94
C ALA H 31 32.21 -5.26 -18.46
N VAL H 32 32.34 -4.29 -19.38
CA VAL H 32 33.08 -3.03 -19.19
C VAL H 32 32.17 -1.89 -19.59
N SER H 33 32.22 -0.77 -18.84
CA SER H 33 31.60 0.53 -19.17
C SER H 33 31.97 0.95 -20.60
N THR H 34 30.98 1.51 -21.30
CA THR H 34 31.04 1.99 -22.70
C THR H 34 30.14 3.22 -22.81
N GLY H 35 30.03 4.00 -21.72
CA GLY H 35 29.43 5.35 -21.72
C GLY H 35 30.25 6.30 -22.57
N HIS H 36 31.59 6.23 -22.43
CA HIS H 36 32.62 7.04 -23.15
C HIS H 36 32.61 6.69 -24.65
N HIS H 37 32.17 5.49 -25.05
CA HIS H 37 32.21 4.95 -26.44
C HIS H 37 30.85 5.19 -27.15
N HIS H 38 29.99 6.03 -26.57
CA HIS H 38 28.63 6.38 -27.08
C HIS H 38 28.28 7.83 -26.67
N HIS H 39 27.45 8.53 -27.46
CA HIS H 39 27.23 10.00 -27.36
C HIS H 39 26.43 10.39 -26.09
N HIS H 40 27.05 10.56 -24.91
CA HIS H 40 26.42 11.12 -23.68
C HIS H 40 27.42 11.19 -22.51
#